data_1Q0M
#
_entry.id   1Q0M
#
_cell.length_a   65.532
_cell.length_b   119.428
_cell.length_c   121.176
_cell.angle_alpha   90.00
_cell.angle_beta   90.00
_cell.angle_gamma   90.00
#
_symmetry.space_group_name_H-M   'P 21 21 21'
#
loop_
_entity.id
_entity.type
_entity.pdbx_description
1 polymer 'Superoxide dismutase [Ni]'
2 non-polymer 'NICKEL (II) ION'
3 non-polymer 'SULFATE ION'
4 non-polymer 'ACETIC ACID'
5 water water
#
_entity_poly.entity_id   1
_entity_poly.type   'polypeptide(L)'
_entity_poly.pdbx_seq_one_letter_code
;HCDLPCGVYDPAQARIEAESVKAIQEKMAANDDLHFQIRATVIKEQRAELAKHHLDVLWSDYFKPPHFESYPELHTLVNE
AVKALSAAKASTDPATGQKALDYIAQIDKIFWETKKA
;
_entity_poly.pdbx_strand_id   A,B,C,D,E,F
#
loop_
_chem_comp.id
_chem_comp.type
_chem_comp.name
_chem_comp.formula
ACY non-polymer 'ACETIC ACID' 'C2 H4 O2'
NI non-polymer 'NICKEL (II) ION' 'Ni 2'
SO4 non-polymer 'SULFATE ION' 'O4 S -2'
#
# COMPACT_ATOMS: atom_id res chain seq x y z
N HIS A 1 -16.63 -4.47 6.28
CA HIS A 1 -16.03 -4.08 4.97
C HIS A 1 -14.58 -4.55 4.88
N CYS A 2 -14.11 -5.16 5.97
CA CYS A 2 -12.75 -5.67 6.06
C CYS A 2 -12.64 -7.15 5.71
N ASP A 3 -13.78 -7.77 5.40
CA ASP A 3 -13.85 -9.19 5.01
C ASP A 3 -13.63 -10.20 6.13
N LEU A 4 -13.79 -9.79 7.38
CA LEU A 4 -13.61 -10.72 8.50
C LEU A 4 -14.68 -11.81 8.53
N PRO A 5 -15.97 -11.44 8.40
CA PRO A 5 -16.55 -10.11 8.22
C PRO A 5 -16.77 -9.37 9.54
N CYS A 6 -16.81 -8.03 9.49
CA CYS A 6 -17.01 -7.23 10.68
C CYS A 6 -18.46 -6.74 10.82
N GLY A 7 -19.21 -6.78 9.72
CA GLY A 7 -20.60 -6.36 9.76
C GLY A 7 -20.80 -4.85 9.68
N VAL A 8 -19.72 -4.12 9.42
CA VAL A 8 -19.78 -2.67 9.33
C VAL A 8 -19.54 -2.22 7.88
N TYR A 9 -20.57 -1.61 7.29
CA TYR A 9 -20.49 -1.12 5.92
C TYR A 9 -21.19 0.22 5.83
N ASP A 10 -20.75 1.05 4.90
CA ASP A 10 -21.39 2.35 4.70
C ASP A 10 -20.89 2.95 3.40
N PRO A 11 -21.80 3.17 2.44
CA PRO A 11 -21.47 3.75 1.13
C PRO A 11 -20.84 5.13 1.28
N ALA A 12 -20.89 5.68 2.49
CA ALA A 12 -20.32 7.00 2.75
C ALA A 12 -18.82 6.98 2.47
N GLN A 13 -18.18 5.82 2.62
CA GLN A 13 -16.75 5.72 2.37
C GLN A 13 -16.51 6.05 0.90
N ALA A 14 -17.28 5.43 0.02
CA ALA A 14 -17.15 5.68 -1.41
C ALA A 14 -17.53 7.13 -1.73
N ARG A 15 -18.63 7.60 -1.12
CA ARG A 15 -19.10 8.95 -1.38
C ARG A 15 -18.10 10.03 -1.03
N ILE A 16 -17.48 9.93 0.14
CA ILE A 16 -16.51 10.95 0.56
C ILE A 16 -15.35 11.05 -0.43
N GLU A 17 -14.86 9.90 -0.89
CA GLU A 17 -13.76 9.91 -1.84
C GLU A 17 -14.23 10.51 -3.17
N ALA A 18 -15.45 10.18 -3.57
CA ALA A 18 -16.00 10.70 -4.82
C ALA A 18 -16.18 12.21 -4.72
N GLU A 19 -16.50 12.71 -3.53
CA GLU A 19 -16.68 14.14 -3.34
C GLU A 19 -15.34 14.84 -3.52
N SER A 20 -14.26 14.22 -3.07
CA SER A 20 -12.93 14.81 -3.24
C SER A 20 -12.61 14.86 -4.72
N VAL A 21 -12.99 13.81 -5.45
CA VAL A 21 -12.73 13.78 -6.88
C VAL A 21 -13.37 14.99 -7.57
N LYS A 22 -14.65 15.23 -7.30
CA LYS A 22 -15.32 16.36 -7.94
C LYS A 22 -14.73 17.68 -7.46
N ALA A 23 -14.43 17.76 -6.15
CA ALA A 23 -13.86 18.97 -5.58
C ALA A 23 -12.54 19.31 -6.26
N ILE A 24 -11.73 18.29 -6.53
CA ILE A 24 -10.45 18.48 -7.19
C ILE A 24 -10.67 18.97 -8.62
N GLN A 25 -11.66 18.40 -9.31
CA GLN A 25 -11.95 18.81 -10.67
C GLN A 25 -12.33 20.28 -10.72
N GLU A 26 -13.10 20.74 -9.74
CA GLU A 26 -13.50 22.13 -9.70
C GLU A 26 -12.29 23.04 -9.47
N LYS A 27 -11.35 22.60 -8.64
CA LYS A 27 -10.15 23.40 -8.37
C LYS A 27 -9.27 23.46 -9.61
N MET A 28 -9.25 22.39 -10.38
CA MET A 28 -8.43 22.35 -11.60
C MET A 28 -8.90 23.37 -12.62
N ALA A 29 -10.16 23.77 -12.53
CA ALA A 29 -10.73 24.75 -13.44
C ALA A 29 -10.38 26.18 -13.04
N ALA A 30 -9.91 26.36 -11.82
CA ALA A 30 -9.57 27.69 -11.33
C ALA A 30 -8.07 27.97 -11.21
N ASN A 31 -7.24 27.04 -11.65
CA ASN A 31 -5.79 27.22 -11.59
C ASN A 31 -5.11 26.39 -12.67
N ASP A 32 -4.63 27.05 -13.71
CA ASP A 32 -3.98 26.34 -14.82
C ASP A 32 -2.49 26.14 -14.68
N ASP A 33 -1.95 26.44 -13.50
CA ASP A 33 -0.51 26.25 -13.27
C ASP A 33 -0.16 24.79 -13.53
N LEU A 34 0.89 24.56 -14.30
CA LEU A 34 1.31 23.21 -14.64
C LEU A 34 1.51 22.27 -13.45
N HIS A 35 2.30 22.69 -12.47
CA HIS A 35 2.55 21.84 -11.32
C HIS A 35 1.29 21.54 -10.52
N PHE A 36 0.38 22.51 -10.42
CA PHE A 36 -0.86 22.26 -9.70
C PHE A 36 -1.66 21.22 -10.49
N GLN A 37 -1.70 21.38 -11.81
CA GLN A 37 -2.44 20.45 -12.66
C GLN A 37 -1.88 19.04 -12.49
N ILE A 38 -0.56 18.92 -12.39
CA ILE A 38 0.06 17.62 -12.22
C ILE A 38 -0.38 17.01 -10.89
N ARG A 39 -0.21 17.75 -9.80
CA ARG A 39 -0.59 17.26 -8.49
C ARG A 39 -2.07 16.93 -8.40
N ALA A 40 -2.92 17.77 -8.98
CA ALA A 40 -4.36 17.52 -8.95
C ALA A 40 -4.69 16.22 -9.67
N THR A 41 -4.04 16.00 -10.81
CA THR A 41 -4.28 14.79 -11.59
C THR A 41 -3.84 13.57 -10.80
N VAL A 42 -2.65 13.64 -10.20
CA VAL A 42 -2.10 12.54 -9.42
C VAL A 42 -3.02 12.17 -8.26
N ILE A 43 -3.43 13.18 -7.50
CA ILE A 43 -4.29 12.97 -6.35
C ILE A 43 -5.72 12.55 -6.70
N LYS A 44 -6.27 13.12 -7.77
CA LYS A 44 -7.61 12.76 -8.20
C LYS A 44 -7.61 11.27 -8.56
N GLU A 45 -6.53 10.82 -9.19
CA GLU A 45 -6.39 9.41 -9.59
C GLU A 45 -6.46 8.52 -8.35
N GLN A 46 -5.75 8.91 -7.30
CA GLN A 46 -5.72 8.14 -6.06
C GLN A 46 -7.07 8.11 -5.36
N ARG A 47 -7.74 9.26 -5.30
CA ARG A 47 -9.05 9.32 -4.63
C ARG A 47 -10.11 8.54 -5.39
N ALA A 48 -10.08 8.62 -6.72
CA ALA A 48 -11.04 7.89 -7.53
C ALA A 48 -10.84 6.38 -7.36
N GLU A 49 -9.58 5.97 -7.28
CA GLU A 49 -9.25 4.55 -7.10
C GLU A 49 -9.81 4.03 -5.78
N LEU A 50 -9.70 4.84 -4.73
CA LEU A 50 -10.23 4.44 -3.43
C LEU A 50 -11.74 4.33 -3.49
N ALA A 51 -12.39 5.26 -4.19
CA ALA A 51 -13.84 5.22 -4.32
C ALA A 51 -14.27 3.94 -5.05
N LYS A 52 -13.51 3.56 -6.07
CA LYS A 52 -13.84 2.34 -6.82
C LYS A 52 -13.71 1.14 -5.89
N HIS A 53 -12.66 1.13 -5.09
CA HIS A 53 -12.42 0.05 -4.16
C HIS A 53 -13.58 -0.11 -3.18
N HIS A 54 -14.01 1.00 -2.60
CA HIS A 54 -15.11 0.96 -1.65
C HIS A 54 -16.38 0.40 -2.29
N LEU A 55 -16.66 0.81 -3.53
CA LEU A 55 -17.84 0.29 -4.21
C LEU A 55 -17.66 -1.19 -4.50
N ASP A 56 -16.47 -1.59 -4.94
CA ASP A 56 -16.20 -3.00 -5.22
C ASP A 56 -16.47 -3.85 -3.98
N VAL A 57 -16.09 -3.33 -2.81
CA VAL A 57 -16.30 -4.04 -1.56
C VAL A 57 -17.79 -4.22 -1.25
N LEU A 58 -18.59 -3.20 -1.49
CA LEU A 58 -20.03 -3.32 -1.25
C LEU A 58 -20.57 -4.42 -2.15
N TRP A 59 -20.13 -4.40 -3.41
CA TRP A 59 -20.57 -5.38 -4.40
C TRP A 59 -20.12 -6.81 -4.11
N SER A 60 -18.85 -6.98 -3.76
CA SER A 60 -18.33 -8.31 -3.50
C SER A 60 -18.63 -8.88 -2.12
N ASP A 61 -18.60 -8.03 -1.11
CA ASP A 61 -18.80 -8.47 0.27
C ASP A 61 -20.16 -8.24 0.91
N TYR A 62 -20.71 -7.03 0.78
CA TYR A 62 -21.98 -6.75 1.44
C TYR A 62 -23.19 -7.34 0.74
N PHE A 63 -23.39 -6.98 -0.52
CA PHE A 63 -24.54 -7.50 -1.26
C PHE A 63 -24.44 -9.00 -1.46
N LYS A 64 -25.53 -9.69 -1.17
CA LYS A 64 -25.63 -11.14 -1.29
C LYS A 64 -26.58 -11.51 -2.42
N PRO A 65 -26.61 -12.79 -2.83
CA PRO A 65 -27.50 -13.23 -3.90
C PRO A 65 -28.95 -12.74 -3.80
N PRO A 66 -29.54 -12.76 -2.59
CA PRO A 66 -30.92 -12.30 -2.45
C PRO A 66 -31.12 -10.84 -2.88
N HIS A 67 -30.10 -10.01 -2.66
CA HIS A 67 -30.15 -8.60 -3.03
C HIS A 67 -30.13 -8.40 -4.54
N PHE A 68 -29.29 -9.16 -5.23
CA PHE A 68 -29.18 -9.04 -6.68
C PHE A 68 -30.47 -9.51 -7.35
N GLU A 69 -31.20 -10.41 -6.68
CA GLU A 69 -32.45 -10.90 -7.23
C GLU A 69 -33.55 -9.88 -7.00
N SER A 70 -33.53 -9.24 -5.84
CA SER A 70 -34.52 -8.22 -5.49
C SER A 70 -34.31 -6.94 -6.29
N TYR A 71 -33.06 -6.68 -6.64
CA TYR A 71 -32.70 -5.49 -7.41
C TYR A 71 -31.95 -5.94 -8.66
N PRO A 72 -32.70 -6.28 -9.73
CA PRO A 72 -32.12 -6.74 -11.01
C PRO A 72 -31.11 -5.78 -11.62
N GLU A 73 -31.21 -4.50 -11.27
CA GLU A 73 -30.32 -3.48 -11.81
C GLU A 73 -29.06 -3.27 -10.99
N LEU A 74 -28.96 -3.93 -9.83
CA LEU A 74 -27.82 -3.73 -8.93
C LEU A 74 -26.43 -4.02 -9.50
N HIS A 75 -26.23 -5.18 -10.12
CA HIS A 75 -24.92 -5.49 -10.70
C HIS A 75 -24.51 -4.38 -11.66
N THR A 76 -25.42 -4.06 -12.56
CA THR A 76 -25.19 -3.02 -13.57
C THR A 76 -24.91 -1.66 -12.95
N LEU A 77 -25.69 -1.31 -11.94
CA LEU A 77 -25.56 -0.03 -11.25
C LEU A 77 -24.16 0.15 -10.66
N VAL A 78 -23.68 -0.86 -9.94
CA VAL A 78 -22.36 -0.75 -9.35
C VAL A 78 -21.31 -0.73 -10.44
N ASN A 79 -21.51 -1.54 -11.48
CA ASN A 79 -20.56 -1.60 -12.58
C ASN A 79 -20.49 -0.25 -13.29
N GLU A 80 -21.64 0.39 -13.49
CA GLU A 80 -21.68 1.69 -14.15
C GLU A 80 -21.06 2.76 -13.26
N ALA A 81 -21.25 2.59 -11.95
CA ALA A 81 -20.71 3.56 -10.98
C ALA A 81 -19.20 3.53 -10.98
N VAL A 82 -18.60 2.34 -10.97
CA VAL A 82 -17.14 2.26 -10.99
C VAL A 82 -16.60 2.74 -12.33
N LYS A 83 -17.35 2.49 -13.40
CA LYS A 83 -16.93 2.95 -14.72
C LYS A 83 -17.01 4.48 -14.75
N ALA A 84 -17.97 5.04 -14.03
CA ALA A 84 -18.11 6.49 -13.97
C ALA A 84 -16.88 7.08 -13.27
N LEU A 85 -16.39 6.37 -12.25
CA LEU A 85 -15.21 6.84 -11.52
C LEU A 85 -13.97 6.76 -12.42
N SER A 86 -13.90 5.73 -13.25
CA SER A 86 -12.78 5.60 -14.18
C SER A 86 -12.84 6.78 -15.16
N ALA A 87 -14.06 7.16 -15.53
CA ALA A 87 -14.24 8.28 -16.46
C ALA A 87 -13.79 9.58 -15.81
N ALA A 88 -14.03 9.71 -14.50
CA ALA A 88 -13.63 10.92 -13.77
C ALA A 88 -12.12 11.02 -13.67
N LYS A 89 -11.45 9.87 -13.60
CA LYS A 89 -9.99 9.85 -13.54
C LYS A 89 -9.44 10.50 -14.81
N ALA A 90 -10.06 10.18 -15.94
CA ALA A 90 -9.61 10.69 -17.24
C ALA A 90 -10.17 12.06 -17.64
N SER A 91 -10.80 12.77 -16.69
CA SER A 91 -11.38 14.06 -17.02
C SER A 91 -11.18 15.13 -15.94
N THR A 92 -11.20 16.40 -16.36
CA THR A 92 -11.07 17.51 -15.44
C THR A 92 -12.44 18.19 -15.30
N ASP A 93 -13.43 17.66 -16.02
CA ASP A 93 -14.78 18.22 -15.99
C ASP A 93 -15.53 17.74 -14.74
N PRO A 94 -15.92 18.66 -13.86
CA PRO A 94 -16.63 18.31 -12.62
C PRO A 94 -17.92 17.51 -12.87
N ALA A 95 -18.43 17.61 -14.10
CA ALA A 95 -19.65 16.88 -14.45
C ALA A 95 -19.43 15.38 -14.36
N THR A 96 -18.21 14.93 -14.66
CA THR A 96 -17.91 13.50 -14.59
C THR A 96 -17.87 13.09 -13.12
N GLY A 97 -17.33 13.95 -12.27
CA GLY A 97 -17.29 13.66 -10.85
C GLY A 97 -18.71 13.58 -10.31
N GLN A 98 -19.58 14.47 -10.80
CA GLN A 98 -20.97 14.48 -10.36
C GLN A 98 -21.72 13.24 -10.81
N LYS A 99 -21.43 12.76 -12.01
CA LYS A 99 -22.10 11.56 -12.51
C LYS A 99 -21.79 10.38 -11.60
N ALA A 100 -20.54 10.29 -11.15
CA ALA A 100 -20.14 9.21 -10.24
C ALA A 100 -20.92 9.35 -8.94
N LEU A 101 -21.02 10.57 -8.42
CA LEU A 101 -21.76 10.79 -7.18
C LEU A 101 -23.23 10.42 -7.33
N ASP A 102 -23.81 10.66 -8.51
CA ASP A 102 -25.21 10.33 -8.74
C ASP A 102 -25.44 8.82 -8.66
N TYR A 103 -24.52 8.05 -9.25
CA TYR A 103 -24.64 6.59 -9.20
C TYR A 103 -24.49 6.11 -7.77
N ILE A 104 -23.53 6.69 -7.04
CA ILE A 104 -23.29 6.31 -5.66
C ILE A 104 -24.52 6.58 -4.82
N ALA A 105 -25.23 7.67 -5.11
CA ALA A 105 -26.45 8.00 -4.38
C ALA A 105 -27.50 6.91 -4.61
N GLN A 106 -27.55 6.39 -5.85
CA GLN A 106 -28.51 5.34 -6.17
C GLN A 106 -28.17 4.08 -5.39
N ILE A 107 -26.88 3.78 -5.32
CA ILE A 107 -26.41 2.60 -4.59
C ILE A 107 -26.69 2.78 -3.11
N ASP A 108 -26.47 3.99 -2.60
CA ASP A 108 -26.69 4.30 -1.20
C ASP A 108 -28.16 4.05 -0.83
N LYS A 109 -29.07 4.44 -1.71
CA LYS A 109 -30.49 4.26 -1.45
C LYS A 109 -30.82 2.77 -1.32
N ILE A 110 -30.31 1.96 -2.24
CA ILE A 110 -30.56 0.53 -2.19
C ILE A 110 -29.91 -0.09 -0.97
N PHE A 111 -28.70 0.36 -0.65
CA PHE A 111 -27.98 -0.15 0.51
C PHE A 111 -28.84 -0.05 1.77
N TRP A 112 -29.31 1.16 2.07
CA TRP A 112 -30.11 1.36 3.27
C TRP A 112 -31.45 0.65 3.27
N GLU A 113 -32.00 0.39 2.08
CA GLU A 113 -33.26 -0.33 2.00
C GLU A 113 -33.02 -1.78 2.41
N THR A 114 -31.86 -2.31 2.05
CA THR A 114 -31.52 -3.70 2.39
C THR A 114 -31.14 -3.84 3.86
N LYS A 115 -30.78 -2.72 4.49
CA LYS A 115 -30.40 -2.70 5.89
C LYS A 115 -31.64 -2.68 6.77
N LYS A 116 -32.74 -2.18 6.21
CA LYS A 116 -34.01 -2.09 6.93
C LYS A 116 -34.88 -3.31 6.66
N ALA A 117 -34.73 -3.88 5.46
CA ALA A 117 -35.50 -5.05 5.06
C ALA A 117 -35.51 -6.11 6.16
N HIS B 1 8.27 1.52 16.27
CA HIS B 1 7.56 2.43 15.33
C HIS B 1 6.47 1.66 14.57
N CYS B 2 6.36 0.38 14.91
CA CYS B 2 5.40 -0.51 14.27
C CYS B 2 4.11 -0.68 15.09
N ASP B 3 4.09 -0.06 16.27
CA ASP B 3 2.92 -0.09 17.15
C ASP B 3 2.67 -1.43 17.86
N LEU B 4 3.70 -2.27 17.97
CA LEU B 4 3.52 -3.55 18.65
C LEU B 4 3.29 -3.37 20.15
N PRO B 5 4.12 -2.55 20.83
CA PRO B 5 5.25 -1.75 20.36
C PRO B 5 6.56 -2.54 20.29
N CYS B 6 7.50 -2.08 19.46
CA CYS B 6 8.78 -2.76 19.31
C CYS B 6 9.90 -2.05 20.07
N GLY B 7 9.67 -0.79 20.44
CA GLY B 7 10.66 -0.03 21.18
C GLY B 7 11.76 0.58 20.31
N VAL B 8 11.61 0.46 18.99
CA VAL B 8 12.60 1.00 18.05
C VAL B 8 12.06 2.21 17.28
N TYR B 9 12.72 3.35 17.45
CA TYR B 9 12.32 4.58 16.77
C TYR B 9 13.56 5.38 16.41
N ASP B 10 13.46 6.15 15.33
CA ASP B 10 14.57 7.00 14.92
C ASP B 10 14.07 8.05 13.95
N PRO B 11 14.20 9.34 14.32
CA PRO B 11 13.75 10.44 13.45
C PRO B 11 14.44 10.37 12.09
N ALA B 12 15.49 9.56 12.00
CA ALA B 12 16.22 9.41 10.75
C ALA B 12 15.33 8.95 9.60
N GLN B 13 14.30 8.17 9.91
CA GLN B 13 13.38 7.70 8.88
C GLN B 13 12.71 8.89 8.22
N ALA B 14 12.18 9.80 9.03
CA ALA B 14 11.53 10.99 8.50
C ALA B 14 12.56 11.87 7.79
N ARG B 15 13.74 12.00 8.39
CA ARG B 15 14.78 12.84 7.81
C ARG B 15 15.23 12.41 6.42
N ILE B 16 15.49 11.13 6.23
CA ILE B 16 15.95 10.65 4.92
C ILE B 16 14.91 10.89 3.82
N GLU B 17 13.63 10.77 4.15
CA GLU B 17 12.60 10.99 3.14
C GLU B 17 12.51 12.49 2.85
N ALA B 18 12.67 13.32 3.89
CA ALA B 18 12.62 14.76 3.71
C ALA B 18 13.84 15.22 2.90
N GLU B 19 14.95 14.52 3.05
CA GLU B 19 16.16 14.86 2.29
C GLU B 19 15.90 14.57 0.82
N SER B 20 15.18 13.48 0.54
CA SER B 20 14.86 13.12 -0.84
C SER B 20 13.97 14.21 -1.44
N VAL B 21 13.04 14.71 -0.63
CA VAL B 21 12.15 15.77 -1.10
C VAL B 21 12.94 16.98 -1.57
N LYS B 22 13.86 17.46 -0.74
CA LYS B 22 14.65 18.63 -1.12
C LYS B 22 15.56 18.33 -2.31
N ALA B 23 16.13 17.12 -2.33
CA ALA B 23 17.01 16.71 -3.43
C ALA B 23 16.25 16.73 -4.75
N ILE B 24 15.00 16.28 -4.71
CA ILE B 24 14.17 16.27 -5.90
C ILE B 24 13.85 17.69 -6.34
N GLN B 25 13.61 18.58 -5.39
CA GLN B 25 13.31 19.97 -5.72
C GLN B 25 14.54 20.60 -6.38
N GLU B 26 15.72 20.23 -5.91
CA GLU B 26 16.97 20.75 -6.47
C GLU B 26 17.08 20.31 -7.93
N LYS B 27 16.81 19.04 -8.18
CA LYS B 27 16.88 18.50 -9.53
C LYS B 27 15.83 19.10 -10.47
N MET B 28 14.67 19.46 -9.92
CA MET B 28 13.61 20.04 -10.74
C MET B 28 13.99 21.41 -11.28
N ALA B 29 14.94 22.05 -10.62
CA ALA B 29 15.38 23.38 -11.04
C ALA B 29 16.44 23.27 -12.15
N ALA B 30 16.96 22.07 -12.35
CA ALA B 30 17.99 21.85 -13.36
C ALA B 30 17.51 21.15 -14.63
N ASN B 31 16.25 20.73 -14.64
CA ASN B 31 15.69 20.06 -15.81
C ASN B 31 14.22 20.45 -15.99
N ASP B 32 13.95 21.21 -17.05
CA ASP B 32 12.60 21.69 -17.33
C ASP B 32 11.77 20.76 -18.22
N ASP B 33 12.32 19.61 -18.58
CA ASP B 33 11.60 18.66 -19.41
C ASP B 33 10.26 18.33 -18.77
N LEU B 34 9.18 18.38 -19.56
CA LEU B 34 7.85 18.10 -19.05
C LEU B 34 7.71 16.76 -18.35
N HIS B 35 8.12 15.69 -19.01
CA HIS B 35 8.01 14.37 -18.40
C HIS B 35 8.83 14.22 -17.13
N PHE B 36 10.00 14.85 -17.08
CA PHE B 36 10.81 14.78 -15.86
C PHE B 36 10.09 15.52 -14.75
N GLN B 37 9.51 16.68 -15.08
CA GLN B 37 8.79 17.48 -14.10
C GLN B 37 7.60 16.68 -13.54
N ILE B 38 6.93 15.94 -14.41
CA ILE B 38 5.80 15.13 -13.98
C ILE B 38 6.29 14.05 -13.01
N ARG B 39 7.30 13.29 -13.41
CA ARG B 39 7.83 12.24 -12.55
C ARG B 39 8.37 12.80 -11.24
N ALA B 40 9.07 13.92 -11.30
CA ALA B 40 9.62 14.52 -10.09
C ALA B 40 8.49 14.92 -9.15
N THR B 41 7.41 15.47 -9.70
CA THR B 41 6.29 15.90 -8.88
C THR B 41 5.64 14.68 -8.23
N VAL B 42 5.41 13.64 -9.02
CA VAL B 42 4.81 12.40 -8.52
C VAL B 42 5.62 11.79 -7.38
N ILE B 43 6.91 11.63 -7.61
CA ILE B 43 7.79 11.03 -6.62
C ILE B 43 7.99 11.91 -5.38
N LYS B 44 8.08 13.22 -5.57
CA LYS B 44 8.24 14.12 -4.43
C LYS B 44 7.02 13.99 -3.53
N GLU B 45 5.84 13.85 -4.15
CA GLU B 45 4.59 13.72 -3.40
C GLU B 45 4.66 12.47 -2.53
N GLN B 46 5.17 11.38 -3.11
CA GLN B 46 5.27 10.11 -2.39
C GLN B 46 6.26 10.16 -1.23
N ARG B 47 7.42 10.76 -1.46
CA ARG B 47 8.43 10.84 -0.41
C ARG B 47 8.00 11.77 0.72
N ALA B 48 7.32 12.86 0.37
CA ALA B 48 6.84 13.80 1.37
C ALA B 48 5.78 13.13 2.23
N GLU B 49 4.93 12.33 1.60
CA GLU B 49 3.88 11.63 2.34
C GLU B 49 4.50 10.64 3.34
N LEU B 50 5.55 9.95 2.92
CA LEU B 50 6.22 9.01 3.81
C LEU B 50 6.86 9.76 4.98
N ALA B 51 7.44 10.93 4.71
CA ALA B 51 8.05 11.73 5.75
C ALA B 51 6.98 12.14 6.78
N LYS B 52 5.82 12.55 6.29
CA LYS B 52 4.73 12.96 7.18
C LYS B 52 4.32 11.77 8.04
N HIS B 53 4.24 10.61 7.42
CA HIS B 53 3.88 9.39 8.14
C HIS B 53 4.86 9.11 9.28
N HIS B 54 6.16 9.15 8.99
CA HIS B 54 7.16 8.88 10.04
C HIS B 54 7.04 9.88 11.19
N LEU B 55 6.78 11.14 10.86
CA LEU B 55 6.64 12.14 11.92
C LEU B 55 5.38 11.88 12.73
N ASP B 56 4.29 11.52 12.05
CA ASP B 56 3.03 11.25 12.74
C ASP B 56 3.24 10.11 13.74
N VAL B 57 4.03 9.11 13.34
CA VAL B 57 4.32 7.96 14.19
C VAL B 57 5.08 8.36 15.45
N LEU B 58 6.06 9.25 15.29
CA LEU B 58 6.83 9.69 16.45
C LEU B 58 5.88 10.39 17.42
N TRP B 59 5.03 11.23 16.87
CA TRP B 59 4.07 12.01 17.65
C TRP B 59 3.00 11.14 18.34
N SER B 60 2.42 10.22 17.60
CA SER B 60 1.36 9.37 18.15
C SER B 60 1.84 8.18 18.97
N ASP B 61 2.98 7.61 18.57
CA ASP B 61 3.49 6.41 19.22
C ASP B 61 4.67 6.54 20.16
N TYR B 62 5.73 7.24 19.73
CA TYR B 62 6.90 7.33 20.59
C TYR B 62 6.73 8.29 21.77
N PHE B 63 6.39 9.54 21.49
CA PHE B 63 6.23 10.51 22.57
C PHE B 63 5.03 10.19 23.43
N LYS B 64 5.27 10.11 24.74
CA LYS B 64 4.24 9.80 25.72
C LYS B 64 3.81 11.08 26.46
N PRO B 65 2.75 11.00 27.28
CA PRO B 65 2.31 12.19 28.01
C PRO B 65 3.42 12.94 28.75
N PRO B 66 4.29 12.22 29.49
CA PRO B 66 5.36 12.91 30.21
C PRO B 66 6.25 13.74 29.27
N HIS B 67 6.49 13.21 28.08
CA HIS B 67 7.32 13.90 27.09
C HIS B 67 6.68 15.21 26.65
N PHE B 68 5.38 15.18 26.40
CA PHE B 68 4.67 16.38 25.99
C PHE B 68 4.59 17.38 27.14
N GLU B 69 4.58 16.85 28.37
CA GLU B 69 4.52 17.71 29.55
C GLU B 69 5.86 18.43 29.68
N SER B 70 6.94 17.74 29.34
CA SER B 70 8.27 18.32 29.41
C SER B 70 8.54 19.24 28.23
N TYR B 71 8.00 18.86 27.07
CA TYR B 71 8.18 19.63 25.84
C TYR B 71 6.83 19.89 25.17
N PRO B 72 6.00 20.76 25.76
CA PRO B 72 4.68 21.06 25.18
C PRO B 72 4.82 21.53 23.73
N GLU B 73 5.91 22.21 23.44
CA GLU B 73 6.18 22.73 22.10
C GLU B 73 6.21 21.61 21.07
N LEU B 74 6.34 20.38 21.53
CA LEU B 74 6.40 19.23 20.64
C LEU B 74 5.17 19.13 19.74
N HIS B 75 3.99 19.38 20.28
CA HIS B 75 2.78 19.32 19.47
C HIS B 75 2.85 20.29 18.30
N THR B 76 3.21 21.53 18.60
CA THR B 76 3.31 22.56 17.57
C THR B 76 4.43 22.26 16.58
N LEU B 77 5.56 21.81 17.10
CA LEU B 77 6.72 21.51 16.27
C LEU B 77 6.41 20.41 15.24
N VAL B 78 5.83 19.30 15.70
CA VAL B 78 5.52 18.24 14.77
C VAL B 78 4.42 18.69 13.79
N ASN B 79 3.42 19.41 14.29
CA ASN B 79 2.35 19.87 13.42
C ASN B 79 2.91 20.82 12.34
N GLU B 80 3.83 21.69 12.74
CA GLU B 80 4.43 22.61 11.78
C GLU B 80 5.31 21.84 10.78
N ALA B 81 5.97 20.79 11.26
CA ALA B 81 6.82 19.98 10.41
C ALA B 81 6.02 19.28 9.32
N VAL B 82 4.89 18.68 9.70
CA VAL B 82 4.09 18.00 8.69
C VAL B 82 3.44 19.01 7.74
N LYS B 83 3.08 20.18 8.25
CA LYS B 83 2.50 21.20 7.38
C LYS B 83 3.57 21.71 6.41
N ALA B 84 4.82 21.73 6.88
CA ALA B 84 5.93 22.17 6.03
C ALA B 84 6.14 21.16 4.89
N LEU B 85 5.90 19.89 5.19
CA LEU B 85 6.03 18.85 4.18
C LEU B 85 4.90 18.98 3.17
N SER B 86 3.71 19.34 3.64
CA SER B 86 2.57 19.54 2.73
C SER B 86 2.91 20.70 1.79
N ALA B 87 3.54 21.73 2.33
CA ALA B 87 3.93 22.91 1.53
C ALA B 87 4.98 22.50 0.50
N ALA B 88 5.87 21.59 0.90
CA ALA B 88 6.93 21.12 0.00
C ALA B 88 6.34 20.33 -1.15
N LYS B 89 5.23 19.63 -0.89
CA LYS B 89 4.56 18.85 -1.93
C LYS B 89 4.08 19.81 -3.01
N ALA B 90 3.56 20.95 -2.58
CA ALA B 90 3.02 21.96 -3.49
C ALA B 90 4.04 22.96 -4.01
N SER B 91 5.33 22.66 -3.86
CA SER B 91 6.35 23.59 -4.32
C SER B 91 7.58 22.92 -4.93
N THR B 92 8.26 23.65 -5.81
CA THR B 92 9.47 23.15 -6.44
C THR B 92 10.68 23.88 -5.86
N ASP B 93 10.40 24.80 -4.93
CA ASP B 93 11.45 25.59 -4.29
C ASP B 93 12.13 24.79 -3.18
N PRO B 94 13.44 24.51 -3.34
CA PRO B 94 14.21 23.74 -2.35
C PRO B 94 14.14 24.31 -0.95
N ALA B 95 13.81 25.59 -0.84
CA ALA B 95 13.70 26.26 0.46
C ALA B 95 12.57 25.65 1.29
N THR B 96 11.51 25.20 0.62
CA THR B 96 10.39 24.59 1.34
C THR B 96 10.83 23.24 1.90
N GLY B 97 11.62 22.50 1.12
CA GLY B 97 12.10 21.22 1.59
C GLY B 97 13.04 21.45 2.77
N GLN B 98 13.84 22.50 2.70
CA GLN B 98 14.76 22.80 3.79
C GLN B 98 14.02 23.21 5.05
N LYS B 99 12.91 23.92 4.90
CA LYS B 99 12.13 24.35 6.06
C LYS B 99 11.67 23.11 6.82
N ALA B 100 11.21 22.10 6.09
CA ALA B 100 10.75 20.86 6.70
C ALA B 100 11.92 20.19 7.43
N LEU B 101 13.07 20.16 6.79
CA LEU B 101 14.26 19.55 7.39
C LEU B 101 14.65 20.27 8.68
N ASP B 102 14.47 21.59 8.71
CA ASP B 102 14.81 22.36 9.91
C ASP B 102 13.93 21.98 11.09
N TYR B 103 12.64 21.78 10.84
CA TYR B 103 11.73 21.39 11.91
C TYR B 103 12.09 19.98 12.38
N ILE B 104 12.40 19.10 11.43
CA ILE B 104 12.77 17.73 11.75
C ILE B 104 14.01 17.70 12.65
N ALA B 105 14.96 18.59 12.38
CA ALA B 105 16.18 18.67 13.19
C ALA B 105 15.85 19.05 14.63
N GLN B 106 14.87 19.94 14.80
CA GLN B 106 14.45 20.38 16.13
C GLN B 106 13.79 19.21 16.85
N ILE B 107 12.96 18.46 16.13
CA ILE B 107 12.28 17.30 16.70
C ILE B 107 13.31 16.23 17.06
N ASP B 108 14.32 16.06 16.20
CA ASP B 108 15.37 15.08 16.43
C ASP B 108 16.12 15.39 17.74
N LYS B 109 16.42 16.66 17.96
CA LYS B 109 17.13 17.06 19.16
C LYS B 109 16.34 16.68 20.41
N ILE B 110 15.05 16.97 20.42
CA ILE B 110 14.21 16.65 21.57
C ILE B 110 14.12 15.12 21.71
N PHE B 111 13.94 14.43 20.59
CA PHE B 111 13.86 12.99 20.60
C PHE B 111 15.02 12.37 21.38
N TRP B 112 16.25 12.69 20.98
CA TRP B 112 17.40 12.12 21.65
C TRP B 112 17.56 12.55 23.11
N GLU B 113 17.05 13.72 23.47
CA GLU B 113 17.12 14.15 24.86
C GLU B 113 16.22 13.23 25.68
N THR B 114 15.04 12.91 25.16
CA THR B 114 14.11 12.03 25.86
C THR B 114 14.65 10.61 25.94
N LYS B 115 15.50 10.24 24.98
CA LYS B 115 16.09 8.90 24.95
C LYS B 115 17.18 8.78 26.01
N LYS B 116 17.82 9.89 26.32
CA LYS B 116 18.90 9.91 27.30
C LYS B 116 18.46 10.28 28.71
N ALA B 117 17.28 10.90 28.82
CA ALA B 117 16.75 11.31 30.12
C ALA B 117 16.67 10.12 31.08
N HIS C 1 -8.70 16.05 2.21
CA HIS C 1 -7.99 15.06 3.08
C HIS C 1 -6.87 14.36 2.30
N CYS C 2 -6.71 14.75 1.04
CA CYS C 2 -5.71 14.17 0.16
C CYS C 2 -4.45 15.02 0.04
N ASP C 3 -4.44 16.16 0.73
CA ASP C 3 -3.30 17.07 0.74
C ASP C 3 -3.06 17.86 -0.55
N LEU C 4 -4.08 17.97 -1.40
CA LEU C 4 -3.90 18.74 -2.63
C LEU C 4 -3.69 20.23 -2.36
N PRO C 5 -4.54 20.85 -1.52
CA PRO C 5 -5.69 20.34 -0.76
C PRO C 5 -6.98 20.30 -1.57
N CYS C 6 -7.87 19.37 -1.21
CA CYS C 6 -9.15 19.23 -1.89
C CYS C 6 -10.27 19.93 -1.14
N GLY C 7 -10.05 20.20 0.15
CA GLY C 7 -11.06 20.87 0.96
C GLY C 7 -12.17 19.98 1.48
N VAL C 8 -12.01 18.66 1.27
CA VAL C 8 -12.99 17.69 1.72
C VAL C 8 -12.46 16.87 2.90
N TYR C 9 -13.13 16.99 4.04
CA TYR C 9 -12.74 16.26 5.24
C TYR C 9 -13.99 15.81 5.97
N ASP C 10 -13.88 14.71 6.70
CA ASP C 10 -15.01 14.20 7.47
C ASP C 10 -14.52 13.18 8.48
N PRO C 11 -14.73 13.44 9.78
CA PRO C 11 -14.32 12.53 10.84
C PRO C 11 -14.96 11.16 10.68
N ALA C 12 -15.97 11.08 9.82
CA ALA C 12 -16.68 9.82 9.56
C ALA C 12 -15.73 8.74 9.08
N GLN C 13 -14.66 9.14 8.39
CA GLN C 13 -13.70 8.15 7.90
C GLN C 13 -13.04 7.45 9.08
N ALA C 14 -12.58 8.23 10.05
CA ALA C 14 -11.94 7.66 11.22
C ALA C 14 -12.96 6.86 12.03
N ARG C 15 -14.17 7.43 12.16
CA ARG C 15 -15.22 6.77 12.93
C ARG C 15 -15.64 5.41 12.40
N ILE C 16 -15.82 5.29 11.09
CA ILE C 16 -16.23 4.01 10.53
C ILE C 16 -15.19 2.93 10.78
N GLU C 17 -13.92 3.28 10.64
CA GLU C 17 -12.87 2.30 10.88
C GLU C 17 -12.82 1.93 12.36
N ALA C 18 -13.03 2.91 13.24
CA ALA C 18 -13.02 2.64 14.67
C ALA C 18 -14.22 1.78 15.05
N GLU C 19 -15.34 1.95 14.35
CA GLU C 19 -16.52 1.15 14.64
C GLU C 19 -16.24 -0.30 14.28
N SER C 20 -15.48 -0.52 13.21
CA SER C 20 -15.13 -1.88 12.80
C SER C 20 -14.25 -2.50 13.87
N VAL C 21 -13.33 -1.70 14.41
CA VAL C 21 -12.43 -2.18 15.45
C VAL C 21 -13.25 -2.71 16.63
N LYS C 22 -14.20 -1.92 17.11
CA LYS C 22 -15.01 -2.38 18.24
C LYS C 22 -15.87 -3.58 17.87
N ALA C 23 -16.43 -3.57 16.66
CA ALA C 23 -17.27 -4.67 16.20
C ALA C 23 -16.48 -5.97 16.16
N ILE C 24 -15.23 -5.89 15.70
CA ILE C 24 -14.38 -7.06 15.63
C ILE C 24 -14.09 -7.57 17.05
N GLN C 25 -13.84 -6.66 17.98
CA GLN C 25 -13.58 -7.05 19.35
C GLN C 25 -14.80 -7.77 19.92
N GLU C 26 -15.99 -7.27 19.57
CA GLU C 26 -17.23 -7.89 20.03
C GLU C 26 -17.32 -9.31 19.51
N LYS C 27 -16.98 -9.51 18.23
CA LYS C 27 -17.04 -10.83 17.63
C LYS C 27 -16.00 -11.79 18.21
N MET C 28 -14.84 -11.25 18.60
CA MET C 28 -13.79 -12.09 19.17
C MET C 28 -14.22 -12.68 20.51
N ALA C 29 -15.17 -12.03 21.17
CA ALA C 29 -15.66 -12.50 22.46
C ALA C 29 -16.63 -13.67 22.31
N ALA C 30 -17.18 -13.83 21.11
CA ALA C 30 -18.14 -14.90 20.86
C ALA C 30 -17.61 -16.11 20.10
N ASN C 31 -16.35 -16.08 19.70
CA ASN C 31 -15.75 -17.19 18.96
C ASN C 31 -14.29 -17.36 19.33
N ASP C 32 -13.97 -18.39 20.12
CA ASP C 32 -12.60 -18.62 20.55
C ASP C 32 -11.76 -19.48 19.62
N ASP C 33 -12.29 -19.78 18.42
CA ASP C 33 -11.56 -20.58 17.45
C ASP C 33 -10.24 -19.90 17.10
N LEU C 34 -9.14 -20.65 17.17
CA LEU C 34 -7.81 -20.12 16.89
C LEU C 34 -7.69 -19.34 15.58
N HIS C 35 -8.09 -19.95 14.47
CA HIS C 35 -7.97 -19.27 13.19
C HIS C 35 -8.81 -18.01 13.08
N PHE C 36 -9.99 -18.01 13.70
CA PHE C 36 -10.83 -16.82 13.67
C PHE C 36 -10.14 -15.73 14.48
N GLN C 37 -9.58 -16.12 15.63
CA GLN C 37 -8.88 -15.18 16.50
C GLN C 37 -7.71 -14.56 15.75
N ILE C 38 -7.00 -15.39 14.99
CA ILE C 38 -5.86 -14.89 14.22
C ILE C 38 -6.35 -13.89 13.18
N ARG C 39 -7.36 -14.26 12.40
CA ARG C 39 -7.88 -13.38 11.37
C ARG C 39 -8.45 -12.09 11.99
N ALA C 40 -9.16 -12.22 13.09
CA ALA C 40 -9.74 -11.05 13.75
C ALA C 40 -8.64 -10.09 14.20
N THR C 41 -7.57 -10.63 14.77
CA THR C 41 -6.46 -9.81 15.24
C THR C 41 -5.81 -9.09 14.06
N VAL C 42 -5.53 -9.83 12.99
CA VAL C 42 -4.91 -9.25 11.81
C VAL C 42 -5.74 -8.10 11.24
N ILE C 43 -7.03 -8.34 11.07
CA ILE C 43 -7.93 -7.34 10.51
C ILE C 43 -8.16 -6.16 11.45
N LYS C 44 -8.27 -6.42 12.75
CA LYS C 44 -8.46 -5.34 13.71
C LYS C 44 -7.26 -4.41 13.64
N GLU C 45 -6.07 -4.99 13.49
CA GLU C 45 -4.84 -4.20 13.42
C GLU C 45 -4.91 -3.25 12.23
N GLN C 46 -5.32 -3.78 11.08
CA GLN C 46 -5.43 -2.98 9.86
C GLN C 46 -6.45 -1.86 9.96
N ARG C 47 -7.60 -2.16 10.53
CA ARG C 47 -8.65 -1.15 10.66
C ARG C 47 -8.25 -0.03 11.63
N ALA C 48 -7.61 -0.42 12.74
CA ALA C 48 -7.19 0.57 13.73
C ALA C 48 -6.11 1.46 13.12
N GLU C 49 -5.24 0.89 12.31
CA GLU C 49 -4.18 1.67 11.67
C GLU C 49 -4.80 2.71 10.74
N LEU C 50 -5.83 2.32 10.00
CA LEU C 50 -6.51 3.24 9.09
C LEU C 50 -7.19 4.34 9.90
N ALA C 51 -7.78 3.98 11.04
CA ALA C 51 -8.43 4.97 11.89
C ALA C 51 -7.39 5.99 12.39
N LYS C 52 -6.22 5.51 12.79
CA LYS C 52 -5.17 6.41 13.26
C LYS C 52 -4.75 7.34 12.12
N HIS C 53 -4.60 6.77 10.93
CA HIS C 53 -4.22 7.57 9.77
C HIS C 53 -5.23 8.70 9.51
N HIS C 54 -6.51 8.37 9.54
CA HIS C 54 -7.53 9.38 9.31
C HIS C 54 -7.47 10.51 10.33
N LEU C 55 -7.25 10.16 11.60
CA LEU C 55 -7.16 11.18 12.65
C LEU C 55 -5.89 12.02 12.44
N ASP C 56 -4.79 11.37 12.07
CA ASP C 56 -3.54 12.09 11.84
C ASP C 56 -3.75 13.12 10.72
N VAL C 57 -4.49 12.73 9.69
CA VAL C 57 -4.75 13.65 8.58
C VAL C 57 -5.55 14.87 9.05
N LEU C 58 -6.58 14.65 9.86
CA LEU C 58 -7.37 15.78 10.35
C LEU C 58 -6.46 16.73 11.14
N TRP C 59 -5.61 16.15 11.97
CA TRP C 59 -4.70 16.91 12.82
C TRP C 59 -3.62 17.65 12.02
N SER C 60 -3.00 16.98 11.07
CA SER C 60 -1.94 17.58 10.28
C SER C 60 -2.40 18.49 9.13
N ASP C 61 -3.50 18.12 8.48
CA ASP C 61 -3.99 18.85 7.32
C ASP C 61 -5.18 19.77 7.52
N TYR C 62 -6.21 19.28 8.21
CA TYR C 62 -7.40 20.12 8.38
C TYR C 62 -7.26 21.18 9.45
N PHE C 63 -6.96 20.76 10.68
CA PHE C 63 -6.84 21.72 11.76
C PHE C 63 -5.64 22.65 11.56
N LYS C 64 -5.90 23.95 11.73
CA LYS C 64 -4.90 25.00 11.54
C LYS C 64 -4.63 25.73 12.86
N PRO C 65 -3.56 26.52 12.92
CA PRO C 65 -3.22 27.26 14.14
C PRO C 65 -4.40 27.96 14.84
N PRO C 66 -5.28 28.63 14.09
CA PRO C 66 -6.42 29.31 14.73
C PRO C 66 -7.28 28.33 15.52
N HIS C 67 -7.37 27.10 15.02
CA HIS C 67 -8.16 26.06 15.66
C HIS C 67 -7.50 25.62 16.97
N PHE C 68 -6.20 25.35 16.92
CA PHE C 68 -5.49 24.94 18.13
C PHE C 68 -5.49 26.07 19.15
N GLU C 69 -5.55 27.31 18.68
CA GLU C 69 -5.58 28.45 19.58
C GLU C 69 -6.94 28.53 20.28
N SER C 70 -8.00 28.23 19.53
CA SER C 70 -9.37 28.29 20.06
C SER C 70 -9.75 27.08 20.91
N TYR C 71 -9.06 25.96 20.70
CA TYR C 71 -9.32 24.73 21.44
C TYR C 71 -7.97 24.25 21.98
N PRO C 72 -7.52 24.80 23.11
CA PRO C 72 -6.25 24.47 23.76
C PRO C 72 -6.01 22.99 24.03
N GLU C 73 -7.08 22.23 24.16
CA GLU C 73 -6.99 20.81 24.45
C GLU C 73 -6.92 19.92 23.19
N LEU C 74 -7.11 20.52 22.01
CA LEU C 74 -7.13 19.78 20.77
C LEU C 74 -5.93 18.88 20.46
N HIS C 75 -4.72 19.41 20.58
CA HIS C 75 -3.53 18.60 20.31
C HIS C 75 -3.56 17.34 21.18
N THR C 76 -3.78 17.54 22.47
CA THR C 76 -3.82 16.43 23.42
C THR C 76 -4.96 15.45 23.13
N LEU C 77 -6.12 16.00 22.75
CA LEU C 77 -7.28 15.16 22.45
C LEU C 77 -6.99 14.22 21.28
N VAL C 78 -6.44 14.75 20.19
CA VAL C 78 -6.14 13.90 19.03
C VAL C 78 -5.06 12.88 19.40
N ASN C 79 -4.07 13.31 20.18
CA ASN C 79 -3.00 12.40 20.57
C ASN C 79 -3.55 11.27 21.43
N GLU C 80 -4.47 11.60 22.35
CA GLU C 80 -5.06 10.57 23.19
C GLU C 80 -5.92 9.62 22.35
N ALA C 81 -6.58 10.16 21.33
CA ALA C 81 -7.43 9.35 20.45
C ALA C 81 -6.59 8.32 19.70
N VAL C 82 -5.47 8.74 19.13
CA VAL C 82 -4.65 7.80 18.39
C VAL C 82 -4.00 6.79 19.34
N LYS C 83 -3.66 7.22 20.55
CA LYS C 83 -3.08 6.30 21.51
C LYS C 83 -4.16 5.29 21.93
N ALA C 84 -5.41 5.74 21.98
CA ALA C 84 -6.50 4.85 22.36
C ALA C 84 -6.68 3.79 21.28
N LEU C 85 -6.41 4.16 20.03
CA LEU C 85 -6.54 3.21 18.92
C LEU C 85 -5.39 2.20 19.02
N SER C 86 -4.22 2.65 19.45
CA SER C 86 -3.08 1.74 19.61
C SER C 86 -3.42 0.73 20.70
N ALA C 87 -4.07 1.20 21.76
CA ALA C 87 -4.45 0.32 22.86
C ALA C 87 -5.47 -0.71 22.39
N ALA C 88 -6.36 -0.30 21.48
CA ALA C 88 -7.38 -1.20 20.93
C ALA C 88 -6.72 -2.28 20.09
N LYS C 89 -5.63 -1.94 19.41
CA LYS C 89 -4.91 -2.93 18.62
C LYS C 89 -4.42 -4.05 19.53
N ALA C 90 -3.94 -3.67 20.70
CA ALA C 90 -3.38 -4.62 21.67
C ALA C 90 -4.39 -5.22 22.63
N SER C 91 -5.68 -5.10 22.33
CA SER C 91 -6.71 -5.62 23.23
C SER C 91 -7.90 -6.24 22.49
N THR C 92 -8.58 -7.18 23.14
CA THR C 92 -9.75 -7.81 22.57
C THR C 92 -10.98 -7.30 23.33
N ASP C 93 -10.75 -6.46 24.33
CA ASP C 93 -11.84 -5.89 25.13
C ASP C 93 -12.52 -4.74 24.38
N PRO C 94 -13.81 -4.89 24.04
CA PRO C 94 -14.58 -3.87 23.32
C PRO C 94 -14.55 -2.50 23.99
N ALA C 95 -14.24 -2.48 25.28
CA ALA C 95 -14.17 -1.23 26.03
C ALA C 95 -13.06 -0.35 25.46
N THR C 96 -11.99 -0.97 24.97
CA THR C 96 -10.88 -0.20 24.41
C THR C 96 -11.34 0.42 23.09
N GLY C 97 -12.08 -0.34 22.30
CA GLY C 97 -12.58 0.18 21.04
C GLY C 97 -13.54 1.33 21.32
N GLN C 98 -14.35 1.20 22.37
CA GLN C 98 -15.31 2.25 22.72
C GLN C 98 -14.61 3.51 23.21
N LYS C 99 -13.50 3.37 23.93
CA LYS C 99 -12.77 4.54 24.41
C LYS C 99 -12.29 5.36 23.21
N ALA C 100 -11.82 4.68 22.18
CA ALA C 100 -11.34 5.37 20.99
C ALA C 100 -12.52 6.08 20.33
N LEU C 101 -13.66 5.41 20.26
CA LEU C 101 -14.85 6.01 19.66
C LEU C 101 -15.29 7.25 20.44
N ASP C 102 -15.16 7.22 21.76
CA ASP C 102 -15.56 8.38 22.57
C ASP C 102 -14.65 9.57 22.25
N TYR C 103 -13.36 9.34 22.09
CA TYR C 103 -12.45 10.44 21.77
C TYR C 103 -12.77 10.96 20.38
N ILE C 104 -13.05 10.06 19.44
CA ILE C 104 -13.36 10.47 18.08
C ILE C 104 -14.61 11.33 18.08
N ALA C 105 -15.58 11.00 18.93
CA ALA C 105 -16.81 11.78 19.03
C ALA C 105 -16.50 13.20 19.50
N GLN C 106 -15.53 13.32 20.41
CA GLN C 106 -15.13 14.63 20.91
C GLN C 106 -14.47 15.43 19.79
N ILE C 107 -13.65 14.77 18.99
CA ILE C 107 -12.98 15.43 17.89
C ILE C 107 -14.00 15.82 16.82
N ASP C 108 -14.98 14.94 16.59
CA ASP C 108 -16.03 15.20 15.60
C ASP C 108 -16.82 16.47 15.97
N LYS C 109 -17.10 16.62 17.27
CA LYS C 109 -17.84 17.79 17.73
C LYS C 109 -17.07 19.06 17.42
N ILE C 110 -15.78 19.07 17.75
CA ILE C 110 -14.94 20.23 17.49
C ILE C 110 -14.82 20.48 15.99
N PHE C 111 -14.62 19.41 15.22
CA PHE C 111 -14.51 19.53 13.78
C PHE C 111 -15.69 20.28 13.18
N TRP C 112 -16.90 19.82 13.47
CA TRP C 112 -18.07 20.48 12.91
C TRP C 112 -18.29 21.91 13.41
N GLU C 113 -17.82 22.19 14.62
CA GLU C 113 -17.95 23.56 15.14
C GLU C 113 -17.06 24.46 14.28
N THR C 114 -15.87 23.98 13.94
CA THR C 114 -14.95 24.78 13.12
C THR C 114 -15.43 24.90 11.68
N LYS C 115 -16.29 23.98 11.25
CA LYS C 115 -16.85 23.97 9.90
C LYS C 115 -17.99 24.97 9.73
N LYS C 116 -18.84 25.07 10.74
CA LYS C 116 -19.97 26.01 10.69
C LYS C 116 -19.36 27.38 10.83
N ALA C 117 -18.31 27.43 11.65
CA ALA C 117 -17.58 28.68 11.84
C ALA C 117 -17.12 29.01 10.42
N HIS D 1 5.60 -17.02 -3.65
CA HIS D 1 6.03 -15.60 -3.93
C HIS D 1 5.61 -14.67 -2.80
N CYS D 2 4.92 -15.23 -1.81
CA CYS D 2 4.43 -14.48 -0.66
C CYS D 2 5.36 -14.62 0.55
N ASP D 3 6.43 -15.39 0.38
CA ASP D 3 7.42 -15.59 1.43
C ASP D 3 6.97 -16.45 2.62
N LEU D 4 5.93 -17.26 2.44
CA LEU D 4 5.48 -18.11 3.54
C LEU D 4 6.52 -19.18 3.90
N PRO D 5 7.08 -19.89 2.90
CA PRO D 5 6.85 -19.83 1.45
C PRO D 5 5.64 -20.65 1.00
N CYS D 6 5.08 -20.28 -0.15
CA CYS D 6 3.91 -20.98 -0.68
C CYS D 6 4.28 -21.92 -1.82
N GLY D 7 5.48 -21.75 -2.39
CA GLY D 7 5.91 -22.60 -3.47
C GLY D 7 5.35 -22.25 -4.84
N VAL D 8 4.59 -21.15 -4.90
CA VAL D 8 3.98 -20.70 -6.14
C VAL D 8 4.66 -19.46 -6.70
N TYR D 9 5.26 -19.59 -7.88
CA TYR D 9 5.91 -18.47 -8.54
C TYR D 9 5.66 -18.54 -10.03
N ASP D 10 5.74 -17.39 -10.69
CA ASP D 10 5.56 -17.33 -12.13
C ASP D 10 6.03 -15.99 -12.65
N PRO D 11 7.04 -15.98 -13.53
CA PRO D 11 7.56 -14.73 -14.09
C PRO D 11 6.48 -13.94 -14.82
N ALA D 12 5.34 -14.60 -15.06
CA ALA D 12 4.22 -13.96 -15.74
C ALA D 12 3.77 -12.70 -15.00
N GLN D 13 3.90 -12.70 -13.68
CA GLN D 13 3.49 -11.54 -12.90
C GLN D 13 4.30 -10.31 -13.32
N ALA D 14 5.61 -10.48 -13.42
CA ALA D 14 6.47 -9.38 -13.85
C ALA D 14 6.21 -9.03 -15.31
N ARG D 15 6.08 -10.06 -16.15
CA ARG D 15 5.84 -9.87 -17.58
C ARG D 15 4.58 -9.05 -17.88
N ILE D 16 3.49 -9.39 -17.22
CA ILE D 16 2.23 -8.69 -17.46
C ILE D 16 2.32 -7.20 -17.15
N GLU D 17 3.00 -6.87 -16.05
CA GLU D 17 3.15 -5.47 -15.70
C GLU D 17 4.09 -4.77 -16.69
N ALA D 18 5.13 -5.48 -17.12
CA ALA D 18 6.07 -4.91 -18.07
C ALA D 18 5.37 -4.66 -19.41
N GLU D 19 4.43 -5.54 -19.77
CA GLU D 19 3.69 -5.36 -21.01
C GLU D 19 2.84 -4.09 -20.92
N SER D 20 2.32 -3.81 -19.73
CA SER D 20 1.52 -2.60 -19.56
C SER D 20 2.41 -1.38 -19.73
N VAL D 21 3.62 -1.47 -19.18
CA VAL D 21 4.56 -0.37 -19.31
C VAL D 21 4.80 -0.03 -20.79
N LYS D 22 5.10 -1.04 -21.60
CA LYS D 22 5.34 -0.76 -23.01
C LYS D 22 4.06 -0.28 -23.70
N ALA D 23 2.94 -0.90 -23.37
CA ALA D 23 1.66 -0.51 -23.96
C ALA D 23 1.36 0.96 -23.70
N ILE D 24 1.70 1.43 -22.50
CA ILE D 24 1.48 2.81 -22.13
C ILE D 24 2.40 3.74 -22.92
N GLN D 25 3.66 3.35 -23.08
CA GLN D 25 4.61 4.17 -23.84
C GLN D 25 4.11 4.33 -25.28
N GLU D 26 3.56 3.26 -25.84
CA GLU D 26 3.06 3.31 -27.20
C GLU D 26 1.86 4.25 -27.28
N LYS D 27 0.97 4.19 -26.30
CA LYS D 27 -0.19 5.07 -26.30
C LYS D 27 0.24 6.53 -26.13
N MET D 28 1.31 6.76 -25.38
CA MET D 28 1.81 8.12 -25.15
C MET D 28 2.28 8.77 -26.45
N ALA D 29 2.63 7.96 -27.44
CA ALA D 29 3.09 8.49 -28.71
C ALA D 29 1.93 8.90 -29.61
N ALA D 30 0.73 8.41 -29.31
CA ALA D 30 -0.45 8.70 -30.11
C ALA D 30 -1.33 9.84 -29.58
N ASN D 31 -1.08 10.28 -28.35
CA ASN D 31 -1.89 11.35 -27.75
C ASN D 31 -1.01 12.30 -26.96
N ASP D 32 -0.83 13.51 -27.47
CA ASP D 32 0.02 14.50 -26.80
C ASP D 32 -0.71 15.41 -25.81
N ASP D 33 -1.97 15.09 -25.53
CA ASP D 33 -2.76 15.88 -24.60
C ASP D 33 -2.04 15.90 -23.24
N LEU D 34 -1.88 17.09 -22.67
CA LEU D 34 -1.20 17.24 -21.39
C LEU D 34 -1.69 16.34 -20.27
N HIS D 35 -2.99 16.37 -20.00
CA HIS D 35 -3.52 15.54 -18.92
C HIS D 35 -3.37 14.06 -19.16
N PHE D 36 -3.45 13.63 -20.42
CA PHE D 36 -3.27 12.23 -20.73
C PHE D 36 -1.81 11.86 -20.45
N GLN D 37 -0.90 12.75 -20.85
CA GLN D 37 0.52 12.52 -20.64
C GLN D 37 0.84 12.43 -19.16
N ILE D 38 0.14 13.21 -18.34
CA ILE D 38 0.36 13.18 -16.90
C ILE D 38 -0.12 11.84 -16.34
N ARG D 39 -1.34 11.45 -16.70
CA ARG D 39 -1.89 10.20 -16.21
C ARG D 39 -1.05 9.00 -16.67
N ALA D 40 -0.65 9.01 -17.94
CA ALA D 40 0.16 7.93 -18.49
C ALA D 40 1.48 7.81 -17.74
N THR D 41 2.10 8.94 -17.45
CA THR D 41 3.38 8.94 -16.72
C THR D 41 3.18 8.38 -15.32
N VAL D 42 2.12 8.81 -14.66
CA VAL D 42 1.81 8.37 -13.30
C VAL D 42 1.58 6.86 -13.26
N ILE D 43 0.74 6.37 -14.17
CA ILE D 43 0.42 4.95 -14.21
C ILE D 43 1.60 4.08 -14.65
N LYS D 44 2.38 4.56 -15.61
CA LYS D 44 3.54 3.81 -16.07
C LYS D 44 4.51 3.61 -14.91
N GLU D 45 4.65 4.63 -14.07
CA GLU D 45 5.54 4.58 -12.92
C GLU D 45 5.08 3.47 -11.96
N GLN D 46 3.78 3.40 -11.71
CA GLN D 46 3.23 2.39 -10.80
C GLN D 46 3.40 0.97 -11.35
N ARG D 47 3.11 0.78 -12.63
CA ARG D 47 3.21 -0.53 -13.23
C ARG D 47 4.66 -1.00 -13.30
N ALA D 48 5.58 -0.10 -13.60
CA ALA D 48 6.99 -0.46 -13.67
C ALA D 48 7.49 -0.86 -12.29
N GLU D 49 7.03 -0.15 -11.25
CA GLU D 49 7.42 -0.45 -9.88
C GLU D 49 6.95 -1.86 -9.50
N LEU D 50 5.73 -2.21 -9.90
CA LEU D 50 5.21 -3.54 -9.60
C LEU D 50 6.05 -4.60 -10.33
N ALA D 51 6.44 -4.30 -11.57
CA ALA D 51 7.26 -5.24 -12.34
C ALA D 51 8.58 -5.47 -11.62
N LYS D 52 9.18 -4.39 -11.12
CA LYS D 52 10.44 -4.50 -10.40
C LYS D 52 10.26 -5.35 -9.15
N HIS D 53 9.16 -5.14 -8.45
CA HIS D 53 8.87 -5.90 -7.24
C HIS D 53 8.78 -7.40 -7.53
N HIS D 54 8.06 -7.76 -8.59
CA HIS D 54 7.90 -9.16 -8.95
C HIS D 54 9.24 -9.80 -9.28
N LEU D 55 10.09 -9.09 -9.99
CA LEU D 55 11.40 -9.63 -10.33
C LEU D 55 12.27 -9.75 -9.09
N ASP D 56 12.20 -8.75 -8.20
CA ASP D 56 12.97 -8.79 -6.96
C ASP D 56 12.60 -10.04 -6.17
N VAL D 57 11.30 -10.36 -6.16
CA VAL D 57 10.81 -11.54 -5.45
C VAL D 57 11.36 -12.84 -6.03
N LEU D 58 11.43 -12.94 -7.35
CA LEU D 58 11.96 -14.14 -7.98
C LEU D 58 13.42 -14.30 -7.56
N TRP D 59 14.14 -13.19 -7.59
CA TRP D 59 15.55 -13.17 -7.23
C TRP D 59 15.84 -13.47 -5.75
N SER D 60 15.06 -12.85 -4.86
CA SER D 60 15.28 -13.02 -3.43
C SER D 60 14.65 -14.28 -2.82
N ASP D 61 13.50 -14.69 -3.35
CA ASP D 61 12.79 -15.83 -2.80
C ASP D 61 12.83 -17.13 -3.60
N TYR D 62 12.52 -17.08 -4.88
CA TYR D 62 12.51 -18.31 -5.68
C TYR D 62 13.87 -18.92 -5.96
N PHE D 63 14.75 -18.14 -6.58
CA PHE D 63 16.07 -18.64 -6.92
C PHE D 63 16.90 -18.92 -5.67
N LYS D 64 17.48 -20.10 -5.63
CA LYS D 64 18.29 -20.54 -4.50
C LYS D 64 19.76 -20.60 -4.90
N PRO D 65 20.66 -20.71 -3.91
CA PRO D 65 22.10 -20.76 -4.19
C PRO D 65 22.51 -21.67 -5.35
N PRO D 66 21.96 -22.91 -5.40
CA PRO D 66 22.31 -23.83 -6.49
C PRO D 66 22.00 -23.24 -7.87
N HIS D 67 20.90 -22.50 -7.96
CA HIS D 67 20.49 -21.88 -9.21
C HIS D 67 21.50 -20.84 -9.67
N PHE D 68 22.01 -20.04 -8.73
CA PHE D 68 22.98 -19.01 -9.07
C PHE D 68 24.30 -19.64 -9.50
N GLU D 69 24.58 -20.84 -9.02
CA GLU D 69 25.81 -21.51 -9.40
C GLU D 69 25.63 -22.16 -10.78
N SER D 70 24.42 -22.65 -11.05
CA SER D 70 24.13 -23.26 -12.34
C SER D 70 24.07 -22.21 -13.44
N TYR D 71 23.63 -21.01 -13.07
CA TYR D 71 23.50 -19.89 -14.02
C TYR D 71 24.24 -18.70 -13.43
N PRO D 72 25.58 -18.65 -13.58
CA PRO D 72 26.39 -17.55 -13.05
C PRO D 72 26.00 -16.15 -13.52
N GLU D 73 25.31 -16.08 -14.65
CA GLU D 73 24.90 -14.79 -15.20
C GLU D 73 23.53 -14.34 -14.68
N LEU D 74 22.87 -15.19 -13.89
CA LEU D 74 21.54 -14.87 -13.38
C LEU D 74 21.44 -13.61 -12.52
N HIS D 75 22.38 -13.41 -11.59
CA HIS D 75 22.32 -12.20 -10.76
C HIS D 75 22.30 -10.97 -11.64
N THR D 76 23.24 -10.91 -12.58
CA THR D 76 23.33 -9.77 -13.49
C THR D 76 22.10 -9.62 -14.36
N LEU D 77 21.55 -10.74 -14.82
CA LEU D 77 20.37 -10.72 -15.66
C LEU D 77 19.20 -10.05 -14.94
N VAL D 78 18.90 -10.49 -13.72
CA VAL D 78 17.79 -9.88 -13.00
C VAL D 78 18.10 -8.44 -12.66
N ASN D 79 19.34 -8.15 -12.30
CA ASN D 79 19.73 -6.78 -11.96
C ASN D 79 19.58 -5.86 -13.17
N GLU D 80 19.95 -6.33 -14.35
CA GLU D 80 19.81 -5.51 -15.55
C GLU D 80 18.34 -5.34 -15.92
N ALA D 81 17.53 -6.36 -15.63
CA ALA D 81 16.10 -6.29 -15.93
C ALA D 81 15.43 -5.21 -15.08
N VAL D 82 15.73 -5.19 -13.79
CA VAL D 82 15.13 -4.17 -12.92
C VAL D 82 15.64 -2.79 -13.27
N LYS D 83 16.90 -2.70 -13.69
CA LYS D 83 17.45 -1.40 -14.08
C LYS D 83 16.78 -0.95 -15.39
N ALA D 84 16.43 -1.91 -16.23
CA ALA D 84 15.76 -1.62 -17.50
C ALA D 84 14.39 -1.04 -17.21
N LEU D 85 13.74 -1.56 -16.17
CA LEU D 85 12.41 -1.07 -15.79
C LEU D 85 12.52 0.35 -15.25
N SER D 86 13.62 0.64 -14.54
CA SER D 86 13.84 1.99 -14.01
C SER D 86 14.04 2.93 -15.19
N ALA D 87 14.73 2.45 -16.22
CA ALA D 87 14.96 3.25 -17.41
C ALA D 87 13.63 3.52 -18.12
N ALA D 88 12.74 2.53 -18.11
CA ALA D 88 11.44 2.67 -18.76
C ALA D 88 10.57 3.70 -18.02
N LYS D 89 10.76 3.81 -16.71
CA LYS D 89 10.00 4.78 -15.93
C LYS D 89 10.33 6.18 -16.43
N ALA D 90 11.61 6.40 -16.72
CA ALA D 90 12.08 7.70 -17.18
C ALA D 90 12.01 7.92 -18.68
N SER D 91 11.29 7.06 -19.39
CA SER D 91 11.21 7.19 -20.84
C SER D 91 9.81 6.95 -21.43
N THR D 92 9.55 7.57 -22.57
CA THR D 92 8.27 7.38 -23.26
C THR D 92 8.51 6.53 -24.51
N ASP D 93 9.77 6.18 -24.73
CA ASP D 93 10.16 5.37 -25.89
C ASP D 93 9.84 3.90 -25.63
N PRO D 94 8.92 3.32 -26.42
CA PRO D 94 8.53 1.91 -26.28
C PRO D 94 9.70 0.93 -26.33
N ALA D 95 10.82 1.36 -26.89
CA ALA D 95 12.00 0.51 -26.99
C ALA D 95 12.54 0.19 -25.59
N THR D 96 12.39 1.12 -24.65
CA THR D 96 12.86 0.90 -23.29
C THR D 96 11.97 -0.16 -22.63
N GLY D 97 10.67 -0.09 -22.90
CA GLY D 97 9.77 -1.08 -22.33
C GLY D 97 10.08 -2.45 -22.92
N GLN D 98 10.41 -2.48 -24.20
CA GLN D 98 10.72 -3.74 -24.87
C GLN D 98 12.02 -4.34 -24.34
N LYS D 99 12.98 -3.48 -24.02
CA LYS D 99 14.26 -3.94 -23.49
C LYS D 99 14.02 -4.69 -22.18
N ALA D 100 13.11 -4.16 -21.35
CA ALA D 100 12.79 -4.81 -20.09
C ALA D 100 12.11 -6.15 -20.36
N LEU D 101 11.20 -6.18 -21.32
CA LEU D 101 10.49 -7.40 -21.68
C LEU D 101 11.46 -8.48 -22.20
N ASP D 102 12.47 -8.05 -22.94
CA ASP D 102 13.45 -9.01 -23.47
C ASP D 102 14.23 -9.68 -22.33
N TYR D 103 14.62 -8.89 -21.33
CA TYR D 103 15.33 -9.45 -20.18
C TYR D 103 14.41 -10.41 -19.43
N ILE D 104 13.15 -10.03 -19.28
CA ILE D 104 12.20 -10.88 -18.57
C ILE D 104 11.98 -12.20 -19.31
N ALA D 105 12.07 -12.18 -20.64
CA ALA D 105 11.90 -13.41 -21.41
C ALA D 105 13.05 -14.37 -21.11
N GLN D 106 14.24 -13.81 -20.90
CA GLN D 106 15.40 -14.63 -20.61
C GLN D 106 15.30 -15.21 -19.22
N ILE D 107 14.79 -14.41 -18.28
CA ILE D 107 14.61 -14.87 -16.91
C ILE D 107 13.54 -15.96 -16.90
N ASP D 108 12.49 -15.77 -17.70
CA ASP D 108 11.40 -16.74 -17.78
C ASP D 108 11.92 -18.10 -18.22
N LYS D 109 12.79 -18.08 -19.22
CA LYS D 109 13.35 -19.33 -19.73
C LYS D 109 14.18 -20.05 -18.66
N ILE D 110 15.01 -19.31 -17.95
CA ILE D 110 15.83 -19.91 -16.88
C ILE D 110 14.90 -20.43 -15.79
N PHE D 111 13.88 -19.65 -15.46
CA PHE D 111 12.93 -20.05 -14.43
C PHE D 111 12.33 -21.43 -14.71
N TRP D 112 11.76 -21.59 -15.90
CA TRP D 112 11.15 -22.86 -16.26
C TRP D 112 12.16 -23.99 -16.40
N GLU D 113 13.39 -23.65 -16.76
CA GLU D 113 14.42 -24.67 -16.86
C GLU D 113 14.68 -25.24 -15.45
N THR D 114 14.67 -24.36 -14.44
CA THR D 114 14.90 -24.80 -13.07
C THR D 114 13.70 -25.54 -12.49
N LYS D 115 12.52 -25.23 -12.99
CA LYS D 115 11.30 -25.87 -12.50
C LYS D 115 11.22 -27.34 -12.90
N LYS D 116 11.90 -27.71 -13.98
CA LYS D 116 11.90 -29.09 -14.44
C LYS D 116 13.03 -29.88 -13.76
N ALA D 117 14.24 -29.31 -13.77
CA ALA D 117 15.44 -29.93 -13.22
C ALA D 117 15.28 -30.59 -11.84
N HIS E 1 16.58 6.89 -3.68
CA HIS E 1 15.98 5.55 -3.40
C HIS E 1 14.54 5.47 -3.91
N CYS E 2 14.09 6.55 -4.53
CA CYS E 2 12.74 6.67 -5.07
C CYS E 2 12.67 6.41 -6.57
N ASP E 3 13.82 6.16 -7.19
CA ASP E 3 13.90 5.86 -8.61
C ASP E 3 13.68 7.04 -9.56
N LEU E 4 13.81 8.27 -9.06
CA LEU E 4 13.63 9.43 -9.93
C LEU E 4 14.73 9.52 -10.99
N PRO E 5 16.01 9.40 -10.60
CA PRO E 5 16.58 9.18 -9.28
C PRO E 5 16.78 10.46 -8.46
N CYS E 6 16.77 10.32 -7.14
CA CYS E 6 16.94 11.47 -6.26
C CYS E 6 18.36 11.56 -5.73
N GLY E 7 19.12 10.47 -5.85
CA GLY E 7 20.50 10.45 -5.38
C GLY E 7 20.64 10.27 -3.87
N VAL E 8 19.54 10.04 -3.18
CA VAL E 8 19.56 9.86 -1.73
C VAL E 8 19.36 8.40 -1.32
N TYR E 9 20.36 7.81 -0.69
CA TYR E 9 20.29 6.42 -0.23
C TYR E 9 20.98 6.29 1.11
N ASP E 10 20.60 5.27 1.86
CA ASP E 10 21.22 5.02 3.15
C ASP E 10 20.78 3.65 3.65
N PRO E 11 21.74 2.74 3.86
CA PRO E 11 21.44 1.38 4.34
C PRO E 11 20.72 1.45 5.68
N ALA E 12 20.73 2.64 6.29
CA ALA E 12 20.07 2.85 7.58
C ALA E 12 18.58 2.51 7.52
N GLN E 13 17.96 2.70 6.36
CA GLN E 13 16.53 2.40 6.23
C GLN E 13 16.31 0.90 6.46
N ALA E 14 17.14 0.08 5.82
CA ALA E 14 17.01 -1.37 5.99
C ALA E 14 17.37 -1.78 7.41
N ARG E 15 18.44 -1.19 7.94
CA ARG E 15 18.90 -1.52 9.29
C ARG E 15 17.87 -1.25 10.37
N ILE E 16 17.22 -0.08 10.32
CA ILE E 16 16.23 0.25 11.34
C ILE E 16 15.08 -0.76 11.36
N GLU E 17 14.62 -1.17 10.19
CA GLU E 17 13.54 -2.14 10.13
C GLU E 17 14.02 -3.49 10.65
N ALA E 18 15.26 -3.86 10.31
CA ALA E 18 15.81 -5.13 10.76
C ALA E 18 15.99 -5.13 12.27
N GLU E 19 16.27 -3.95 12.83
CA GLU E 19 16.43 -3.84 14.28
C GLU E 19 15.08 -4.08 14.94
N SER E 20 14.02 -3.61 14.30
CA SER E 20 12.67 -3.83 14.84
C SER E 20 12.36 -5.32 14.81
N VAL E 21 12.79 -5.99 13.75
CA VAL E 21 12.55 -7.43 13.63
C VAL E 21 13.17 -8.18 14.81
N LYS E 22 14.45 -7.92 15.08
CA LYS E 22 15.10 -8.61 16.19
C LYS E 22 14.49 -8.18 17.52
N ALA E 23 14.16 -6.90 17.64
CA ALA E 23 13.56 -6.38 18.88
C ALA E 23 12.25 -7.11 19.17
N ILE E 24 11.47 -7.36 18.13
CA ILE E 24 10.19 -8.04 18.27
C ILE E 24 10.42 -9.50 18.67
N GLN E 25 11.43 -10.13 18.09
CA GLN E 25 11.73 -11.53 18.42
C GLN E 25 12.11 -11.61 19.89
N GLU E 26 12.83 -10.61 20.38
CA GLU E 26 13.22 -10.59 21.79
C GLU E 26 11.98 -10.45 22.68
N LYS E 27 11.04 -9.60 22.28
CA LYS E 27 9.83 -9.42 23.07
C LYS E 27 8.96 -10.66 23.06
N MET E 28 9.00 -11.42 21.96
CA MET E 28 8.19 -12.63 21.84
C MET E 28 8.63 -13.70 22.84
N ALA E 29 9.88 -13.63 23.28
CA ALA E 29 10.42 -14.59 24.23
C ALA E 29 10.03 -14.28 25.68
N ALA E 30 9.57 -13.06 25.92
CA ALA E 30 9.20 -12.64 27.27
C ALA E 30 7.69 -12.62 27.52
N ASN E 31 6.89 -12.96 26.52
CA ASN E 31 5.43 -12.97 26.67
C ASN E 31 4.81 -14.03 25.77
N ASP E 32 4.28 -15.09 26.37
CA ASP E 32 3.67 -16.17 25.59
C ASP E 32 2.18 -16.02 25.33
N ASP E 33 1.60 -14.87 25.71
CA ASP E 33 0.18 -14.63 25.48
C ASP E 33 -0.13 -14.81 24.00
N LEU E 34 -1.14 -15.61 23.69
CA LEU E 34 -1.53 -15.88 22.32
C LEU E 34 -1.73 -14.64 21.45
N HIS E 35 -2.55 -13.69 21.91
CA HIS E 35 -2.81 -12.51 21.12
C HIS E 35 -1.57 -11.64 20.89
N PHE E 36 -0.67 -11.61 21.86
CA PHE E 36 0.55 -10.83 21.67
C PHE E 36 1.41 -11.55 20.64
N GLN E 37 1.44 -12.88 20.72
CA GLN E 37 2.23 -13.67 19.76
C GLN E 37 1.71 -13.45 18.35
N ILE E 38 0.38 -13.36 18.20
CA ILE E 38 -0.21 -13.13 16.89
C ILE E 38 0.20 -11.76 16.36
N ARG E 39 0.01 -10.73 17.19
CA ARG E 39 0.36 -9.37 16.77
C ARG E 39 1.84 -9.23 16.47
N ALA E 40 2.69 -9.83 17.31
CA ALA E 40 4.12 -9.78 17.11
C ALA E 40 4.52 -10.44 15.78
N THR E 41 3.88 -11.57 15.47
CA THR E 41 4.17 -12.28 14.23
C THR E 41 3.75 -11.42 13.03
N VAL E 42 2.54 -10.88 13.12
CA VAL E 42 2.01 -10.04 12.05
C VAL E 42 2.90 -8.85 11.77
N ILE E 43 3.29 -8.15 12.84
CA ILE E 43 4.13 -6.96 12.71
C ILE E 43 5.57 -7.29 12.29
N LYS E 44 6.12 -8.38 12.83
CA LYS E 44 7.47 -8.78 12.47
C LYS E 44 7.52 -9.06 10.95
N GLU E 45 6.45 -9.65 10.44
CA GLU E 45 6.37 -9.97 9.01
C GLU E 45 6.45 -8.67 8.19
N GLN E 46 5.70 -7.66 8.63
CA GLN E 46 5.67 -6.38 7.94
C GLN E 46 7.01 -5.63 7.96
N ARG E 47 7.67 -5.60 9.11
CA ARG E 47 8.93 -4.88 9.19
C ARG E 47 10.03 -5.61 8.42
N ALA E 48 10.03 -6.94 8.45
CA ALA E 48 11.02 -7.71 7.71
C ALA E 48 10.83 -7.47 6.21
N GLU E 49 9.58 -7.37 5.77
CA GLU E 49 9.28 -7.13 4.36
C GLU E 49 9.81 -5.75 3.94
N LEU E 50 9.67 -4.77 4.81
CA LEU E 50 10.17 -3.43 4.51
C LEU E 50 11.70 -3.47 4.43
N ALA E 51 12.31 -4.23 5.33
CA ALA E 51 13.77 -4.36 5.34
C ALA E 51 14.23 -4.97 4.02
N LYS E 52 13.54 -6.01 3.55
CA LYS E 52 13.92 -6.65 2.29
C LYS E 52 13.77 -5.63 1.15
N HIS E 53 12.70 -4.84 1.20
CA HIS E 53 12.47 -3.84 0.17
C HIS E 53 13.61 -2.83 0.09
N HIS E 54 14.05 -2.34 1.25
CA HIS E 54 15.14 -1.37 1.26
C HIS E 54 16.42 -1.95 0.70
N LEU E 55 16.70 -3.22 1.00
CA LEU E 55 17.91 -3.86 0.47
C LEU E 55 17.75 -4.08 -1.03
N ASP E 56 16.55 -4.45 -1.47
CA ASP E 56 16.30 -4.66 -2.89
C ASP E 56 16.56 -3.37 -3.65
N VAL E 57 16.18 -2.24 -3.05
CA VAL E 57 16.38 -0.93 -3.67
C VAL E 57 17.86 -0.60 -3.81
N LEU E 58 18.64 -0.90 -2.78
CA LEU E 58 20.08 -0.62 -2.84
C LEU E 58 20.67 -1.45 -3.98
N TRP E 59 20.27 -2.72 -4.03
CA TRP E 59 20.75 -3.65 -5.06
C TRP E 59 20.37 -3.27 -6.49
N SER E 60 19.09 -2.92 -6.69
CA SER E 60 18.63 -2.59 -8.02
C SER E 60 18.90 -1.17 -8.50
N ASP E 61 18.79 -0.21 -7.58
CA ASP E 61 18.94 1.21 -7.92
C ASP E 61 20.27 1.87 -7.59
N TYR E 62 20.78 1.68 -6.38
CA TYR E 62 22.01 2.34 -6.00
C TYR E 62 23.27 1.67 -6.61
N PHE E 63 23.47 0.38 -6.35
CA PHE E 63 24.65 -0.30 -6.87
C PHE E 63 24.62 -0.39 -8.39
N LYS E 64 25.73 0.02 -9.01
CA LYS E 64 25.86 0.03 -10.46
C LYS E 64 26.82 -1.08 -10.93
N PRO E 65 26.80 -1.38 -12.23
CA PRO E 65 27.68 -2.43 -12.78
C PRO E 65 29.13 -2.40 -12.26
N PRO E 66 29.78 -1.23 -12.24
CA PRO E 66 31.16 -1.17 -11.75
C PRO E 66 31.30 -1.69 -10.31
N HIS E 67 30.29 -1.43 -9.50
CA HIS E 67 30.31 -1.86 -8.10
C HIS E 67 30.31 -3.37 -7.97
N PHE E 68 29.51 -4.04 -8.78
CA PHE E 68 29.44 -5.50 -8.73
C PHE E 68 30.72 -6.11 -9.25
N GLU E 69 31.41 -5.38 -10.14
CA GLU E 69 32.67 -5.84 -10.68
C GLU E 69 33.75 -5.69 -9.62
N SER E 70 33.74 -4.56 -8.90
CA SER E 70 34.72 -4.31 -7.85
C SER E 70 34.51 -5.22 -6.64
N TYR E 71 33.26 -5.59 -6.38
CA TYR E 71 32.93 -6.46 -5.26
C TYR E 71 32.23 -7.71 -5.78
N PRO E 72 33.00 -8.69 -6.27
CA PRO E 72 32.47 -9.94 -6.83
C PRO E 72 31.46 -10.68 -5.95
N GLU E 73 31.52 -10.49 -4.64
CA GLU E 73 30.62 -11.18 -3.73
C GLU E 73 29.38 -10.37 -3.35
N LEU E 74 29.26 -9.16 -3.88
CA LEU E 74 28.13 -8.29 -3.55
C LEU E 74 26.75 -8.85 -3.91
N HIS E 75 26.58 -9.39 -5.12
CA HIS E 75 25.28 -9.96 -5.49
C HIS E 75 24.89 -11.03 -4.48
N THR E 76 25.82 -11.93 -4.22
CA THR E 76 25.59 -13.02 -3.28
C THR E 76 25.29 -12.49 -1.88
N LEU E 77 26.05 -11.49 -1.46
CA LEU E 77 25.86 -10.89 -0.14
C LEU E 77 24.45 -10.32 0.06
N VAL E 78 23.98 -9.52 -0.89
CA VAL E 78 22.65 -8.95 -0.74
C VAL E 78 21.59 -10.04 -0.78
N ASN E 79 21.78 -11.03 -1.65
CA ASN E 79 20.81 -12.12 -1.74
C ASN E 79 20.77 -12.90 -0.43
N GLU E 80 21.93 -13.13 0.18
CA GLU E 80 21.95 -13.83 1.47
C GLU E 80 21.26 -12.98 2.52
N ALA E 81 21.44 -11.66 2.44
CA ALA E 81 20.83 -10.75 3.41
C ALA E 81 19.29 -10.80 3.33
N VAL E 82 18.74 -10.76 2.12
CA VAL E 82 17.29 -10.80 2.00
C VAL E 82 16.76 -12.17 2.38
N LYS E 83 17.52 -13.23 2.09
CA LYS E 83 17.08 -14.56 2.48
C LYS E 83 17.13 -14.69 4.01
N ALA E 84 18.06 -14.00 4.64
CA ALA E 84 18.17 -14.04 6.10
C ALA E 84 16.95 -13.36 6.71
N LEU E 85 16.43 -12.35 6.03
CA LEU E 85 15.25 -11.64 6.50
C LEU E 85 14.03 -12.54 6.35
N SER E 86 14.00 -13.33 5.27
CA SER E 86 12.91 -14.28 5.06
C SER E 86 12.94 -15.29 6.18
N ALA E 87 14.14 -15.72 6.56
CA ALA E 87 14.31 -16.69 7.65
C ALA E 87 13.84 -16.08 8.97
N ALA E 88 14.07 -14.79 9.15
CA ALA E 88 13.66 -14.12 10.38
C ALA E 88 12.13 -14.02 10.46
N LYS E 89 11.48 -13.92 9.30
CA LYS E 89 10.02 -13.85 9.27
C LYS E 89 9.47 -15.15 9.84
N ALA E 90 10.09 -16.25 9.45
CA ALA E 90 9.67 -17.58 9.88
C ALA E 90 10.23 -18.05 11.20
N SER E 91 10.82 -17.15 11.98
CA SER E 91 11.41 -17.54 13.25
C SER E 91 11.17 -16.55 14.38
N THR E 92 11.17 -17.06 15.61
CA THR E 92 10.99 -16.23 16.80
C THR E 92 12.34 -16.10 17.51
N ASP E 93 13.35 -16.79 16.96
CA ASP E 93 14.69 -16.79 17.53
C ASP E 93 15.42 -15.49 17.14
N PRO E 94 15.76 -14.66 18.14
CA PRO E 94 16.45 -13.39 17.90
C PRO E 94 17.77 -13.56 17.12
N ALA E 95 18.31 -14.77 17.15
CA ALA E 95 19.56 -15.04 16.43
C ALA E 95 19.34 -14.87 14.92
N THR E 96 18.14 -15.15 14.44
CA THR E 96 17.86 -15.01 13.02
C THR E 96 17.80 -13.53 12.66
N GLY E 97 17.26 -12.72 13.56
CA GLY E 97 17.18 -11.30 13.32
C GLY E 97 18.60 -10.75 13.31
N GLN E 98 19.44 -11.26 14.20
CA GLN E 98 20.82 -10.80 14.28
C GLN E 98 21.62 -11.19 13.05
N LYS E 99 21.36 -12.37 12.49
CA LYS E 99 22.08 -12.81 11.31
C LYS E 99 21.81 -11.85 10.16
N ALA E 100 20.56 -11.40 10.05
CA ALA E 100 20.18 -10.45 9.01
C ALA E 100 20.93 -9.14 9.26
N LEU E 101 20.96 -8.71 10.51
CA LEU E 101 21.64 -7.47 10.87
C LEU E 101 23.13 -7.53 10.53
N ASP E 102 23.74 -8.69 10.74
CA ASP E 102 25.17 -8.84 10.43
C ASP E 102 25.43 -8.69 8.93
N TYR E 103 24.53 -9.22 8.11
CA TYR E 103 24.68 -9.10 6.67
C TYR E 103 24.49 -7.65 6.27
N ILE E 104 23.52 -6.99 6.88
CA ILE E 104 23.25 -5.59 6.57
C ILE E 104 24.45 -4.72 6.89
N ALA E 105 25.16 -5.06 7.97
CA ALA E 105 26.35 -4.30 8.37
C ALA E 105 27.44 -4.44 7.32
N GLN E 106 27.54 -5.62 6.71
CA GLN E 106 28.52 -5.87 5.67
C GLN E 106 28.19 -5.04 4.43
N ILE E 107 26.90 -4.95 4.13
CA ILE E 107 26.44 -4.19 2.98
C ILE E 107 26.68 -2.69 3.23
N ASP E 108 26.42 -2.26 4.46
CA ASP E 108 26.60 -0.87 4.85
C ASP E 108 28.06 -0.45 4.65
N LYS E 109 28.98 -1.33 5.03
CA LYS E 109 30.41 -1.06 4.89
C LYS E 109 30.75 -0.82 3.42
N ILE E 110 30.31 -1.73 2.56
CA ILE E 110 30.56 -1.62 1.12
C ILE E 110 29.90 -0.37 0.56
N PHE E 111 28.67 -0.09 1.01
CA PHE E 111 27.94 1.08 0.55
C PHE E 111 28.77 2.35 0.74
N TRP E 112 29.21 2.60 1.98
CA TRP E 112 29.99 3.81 2.25
C TRP E 112 31.35 3.83 1.55
N GLU E 113 31.91 2.66 1.28
CA GLU E 113 33.19 2.62 0.57
C GLU E 113 32.96 3.13 -0.85
N THR E 114 31.85 2.73 -1.45
CA THR E 114 31.54 3.16 -2.81
C THR E 114 31.15 4.63 -2.86
N LYS E 115 30.61 5.14 -1.76
CA LYS E 115 30.21 6.54 -1.67
C LYS E 115 31.42 7.46 -1.58
N LYS E 116 32.43 7.03 -0.82
CA LYS E 116 33.64 7.81 -0.63
C LYS E 116 34.61 7.67 -1.80
N ALA E 117 34.46 6.58 -2.53
CA ALA E 117 35.29 6.33 -3.71
C ALA E 117 34.62 7.05 -4.86
N HIS F 1 -5.12 -2.79 -17.33
CA HIS F 1 -5.65 -3.16 -15.99
C HIS F 1 -5.30 -2.08 -14.98
N CYS F 2 -4.64 -1.04 -15.46
CA CYS F 2 -4.19 0.08 -14.64
C CYS F 2 -5.15 1.28 -14.72
N ASP F 3 -6.20 1.15 -15.52
CA ASP F 3 -7.22 2.18 -15.67
C ASP F 3 -6.79 3.42 -16.47
N LEU F 4 -5.75 3.31 -17.29
CA LEU F 4 -5.31 4.47 -18.07
C LEU F 4 -6.33 4.84 -19.15
N PRO F 5 -6.82 3.86 -19.93
CA PRO F 5 -6.53 2.42 -19.91
C PRO F 5 -5.28 2.05 -20.71
N CYS F 6 -4.67 0.92 -20.37
CA CYS F 6 -3.47 0.46 -21.06
C CYS F 6 -3.76 -0.61 -22.11
N GLY F 7 -4.94 -1.21 -22.04
CA GLY F 7 -5.30 -2.25 -23.00
C GLY F 7 -4.69 -3.60 -22.69
N VAL F 8 -4.07 -3.72 -21.53
CA VAL F 8 -3.44 -4.97 -21.13
C VAL F 8 -4.15 -5.60 -19.94
N TYR F 9 -4.73 -6.78 -20.16
CA TYR F 9 -5.43 -7.50 -19.11
C TYR F 9 -5.08 -8.98 -19.24
N ASP F 10 -5.06 -9.66 -18.11
CA ASP F 10 -4.76 -11.09 -18.10
C ASP F 10 -5.25 -11.70 -16.80
N PRO F 11 -6.26 -12.58 -16.87
CA PRO F 11 -6.82 -13.23 -15.69
C PRO F 11 -5.76 -14.04 -14.92
N ALA F 12 -4.58 -14.18 -15.53
CA ALA F 12 -3.49 -14.92 -14.90
C ALA F 12 -3.08 -14.28 -13.59
N GLN F 13 -3.24 -12.96 -13.47
CA GLN F 13 -2.88 -12.28 -12.24
C GLN F 13 -3.74 -12.81 -11.10
N ALA F 14 -5.04 -12.93 -11.33
CA ALA F 14 -5.94 -13.44 -10.32
C ALA F 14 -5.67 -14.91 -10.05
N ARG F 15 -5.46 -15.68 -11.11
CA ARG F 15 -5.19 -17.11 -10.99
C ARG F 15 -3.94 -17.41 -10.15
N ILE F 16 -2.85 -16.70 -10.43
CA ILE F 16 -1.62 -16.94 -9.70
C ILE F 16 -1.76 -16.67 -8.21
N GLU F 17 -2.46 -15.62 -7.83
CA GLU F 17 -2.66 -15.33 -6.41
C GLU F 17 -3.57 -16.38 -5.79
N ALA F 18 -4.61 -16.78 -6.53
CA ALA F 18 -5.53 -17.80 -6.05
C ALA F 18 -4.80 -19.14 -5.87
N GLU F 19 -3.82 -19.41 -6.73
CA GLU F 19 -3.06 -20.65 -6.62
C GLU F 19 -2.24 -20.62 -5.34
N SER F 20 -1.77 -19.43 -4.95
CA SER F 20 -1.00 -19.32 -3.72
C SER F 20 -1.92 -19.61 -2.54
N VAL F 21 -3.15 -19.09 -2.62
CA VAL F 21 -4.10 -19.30 -1.54
C VAL F 21 -4.31 -20.80 -1.29
N LYS F 22 -4.57 -21.57 -2.34
CA LYS F 22 -4.78 -23.00 -2.14
C LYS F 22 -3.49 -23.68 -1.68
N ALA F 23 -2.36 -23.27 -2.26
CA ALA F 23 -1.08 -23.86 -1.90
C ALA F 23 -0.80 -23.65 -0.41
N ILE F 24 -1.17 -22.48 0.11
CA ILE F 24 -0.95 -22.18 1.52
C ILE F 24 -1.86 -23.07 2.38
N GLN F 25 -3.09 -23.25 1.94
CA GLN F 25 -4.03 -24.09 2.69
C GLN F 25 -3.50 -25.53 2.79
N GLU F 26 -2.88 -26.01 1.72
CA GLU F 26 -2.33 -27.36 1.72
C GLU F 26 -1.16 -27.44 2.70
N LYS F 27 -0.34 -26.40 2.75
CA LYS F 27 0.78 -26.39 3.67
C LYS F 27 0.32 -26.33 5.12
N MET F 28 -0.80 -25.65 5.36
CA MET F 28 -1.33 -25.53 6.71
C MET F 28 -1.79 -26.89 7.23
N ALA F 29 -2.14 -27.79 6.33
CA ALA F 29 -2.60 -29.12 6.71
C ALA F 29 -1.44 -30.05 7.06
N ALA F 30 -0.23 -29.67 6.66
CA ALA F 30 0.94 -30.49 6.94
C ALA F 30 1.82 -29.98 8.08
N ASN F 31 1.42 -28.87 8.70
CA ASN F 31 2.20 -28.30 9.80
C ASN F 31 1.27 -27.54 10.75
N ASP F 32 1.07 -28.08 11.96
CA ASP F 32 0.20 -27.43 12.93
C ASP F 32 0.91 -26.51 13.91
N ASP F 33 2.18 -26.21 13.65
CA ASP F 33 2.93 -25.32 14.52
C ASP F 33 2.19 -23.98 14.60
N LEU F 34 2.00 -23.48 15.82
CA LEU F 34 1.28 -22.22 16.03
C LEU F 34 1.77 -21.03 15.22
N HIS F 35 3.07 -20.76 15.27
CA HIS F 35 3.59 -19.62 14.53
C HIS F 35 3.47 -19.79 13.03
N PHE F 36 3.59 -21.03 12.55
CA PHE F 36 3.44 -21.24 11.11
C PHE F 36 1.98 -20.97 10.74
N GLN F 37 1.07 -21.45 11.58
CA GLN F 37 -0.36 -21.25 11.33
C GLN F 37 -0.71 -19.77 11.30
N ILE F 38 -0.10 -18.98 12.18
CA ILE F 38 -0.36 -17.55 12.20
C ILE F 38 0.14 -16.91 10.91
N ARG F 39 1.40 -17.19 10.55
CA ARG F 39 1.96 -16.63 9.32
C ARG F 39 1.17 -17.05 8.08
N ALA F 40 0.81 -18.32 8.00
CA ALA F 40 0.06 -18.81 6.85
C ALA F 40 -1.28 -18.11 6.73
N THR F 41 -1.92 -17.85 7.87
CA THR F 41 -3.21 -17.17 7.86
C THR F 41 -3.05 -15.73 7.40
N VAL F 42 -2.04 -15.06 7.93
CA VAL F 42 -1.77 -13.66 7.57
C VAL F 42 -1.51 -13.53 6.07
N ILE F 43 -0.64 -14.38 5.55
CA ILE F 43 -0.27 -14.36 4.15
C ILE F 43 -1.40 -14.78 3.21
N LYS F 44 -2.15 -15.81 3.59
CA LYS F 44 -3.27 -16.26 2.77
C LYS F 44 -4.27 -15.12 2.63
N GLU F 45 -4.45 -14.36 3.70
CA GLU F 45 -5.38 -13.24 3.71
C GLU F 45 -4.94 -12.21 2.67
N GLN F 46 -3.63 -11.94 2.65
CA GLN F 46 -3.09 -10.98 1.71
C GLN F 46 -3.20 -11.40 0.26
N ARG F 47 -2.87 -12.66 -0.03
CA ARG F 47 -2.94 -13.13 -1.42
C ARG F 47 -4.38 -13.25 -1.91
N ALA F 48 -5.28 -13.64 -1.02
CA ALA F 48 -6.69 -13.75 -1.41
C ALA F 48 -7.23 -12.36 -1.73
N GLU F 49 -6.79 -11.36 -0.97
CA GLU F 49 -7.22 -9.99 -1.19
C GLU F 49 -6.72 -9.50 -2.56
N LEU F 50 -5.48 -9.84 -2.90
CA LEU F 50 -4.95 -9.45 -4.21
C LEU F 50 -5.74 -10.14 -5.33
N ALA F 51 -6.09 -11.40 -5.12
CA ALA F 51 -6.85 -12.13 -6.12
C ALA F 51 -8.20 -11.44 -6.36
N LYS F 52 -8.84 -11.01 -5.28
CA LYS F 52 -10.14 -10.34 -5.39
C LYS F 52 -9.97 -9.05 -6.16
N HIS F 53 -8.90 -8.31 -5.86
CA HIS F 53 -8.63 -7.06 -6.55
C HIS F 53 -8.50 -7.26 -8.05
N HIS F 54 -7.72 -8.25 -8.46
CA HIS F 54 -7.52 -8.54 -9.87
C HIS F 54 -8.84 -8.86 -10.57
N LEU F 55 -9.69 -9.65 -9.91
CA LEU F 55 -10.98 -9.99 -10.49
C LEU F 55 -11.87 -8.75 -10.57
N ASP F 56 -11.84 -7.92 -9.53
CA ASP F 56 -12.65 -6.70 -9.51
C ASP F 56 -12.25 -5.80 -10.69
N VAL F 57 -10.95 -5.75 -11.00
CA VAL F 57 -10.45 -4.95 -12.10
C VAL F 57 -10.98 -5.44 -13.45
N LEU F 58 -10.97 -6.76 -13.65
CA LEU F 58 -11.48 -7.31 -14.90
C LEU F 58 -12.95 -6.93 -15.04
N TRP F 59 -13.68 -7.11 -13.95
CA TRP F 59 -15.11 -6.82 -13.90
C TRP F 59 -15.46 -5.36 -14.16
N SER F 60 -14.78 -4.45 -13.47
CA SER F 60 -15.07 -3.02 -13.60
C SER F 60 -14.45 -2.33 -14.81
N ASP F 61 -13.25 -2.75 -15.18
CA ASP F 61 -12.52 -2.09 -16.27
C ASP F 61 -12.54 -2.77 -17.63
N TYR F 62 -12.28 -4.06 -17.68
CA TYR F 62 -12.26 -4.74 -18.97
C TYR F 62 -13.64 -5.08 -19.53
N PHE F 63 -14.43 -5.82 -18.76
CA PHE F 63 -15.75 -6.21 -19.23
C PHE F 63 -16.70 -5.03 -19.38
N LYS F 64 -17.38 -5.00 -20.52
CA LYS F 64 -18.33 -3.94 -20.85
C LYS F 64 -19.71 -4.53 -21.12
N PRO F 65 -20.75 -3.68 -21.26
CA PRO F 65 -22.09 -4.19 -21.51
C PRO F 65 -22.22 -5.34 -22.53
N PRO F 66 -21.61 -5.20 -23.71
CA PRO F 66 -21.72 -6.27 -24.71
C PRO F 66 -21.29 -7.64 -24.17
N HIS F 67 -20.30 -7.64 -23.28
CA HIS F 67 -19.81 -8.89 -22.70
C HIS F 67 -20.83 -9.45 -21.72
N PHE F 68 -21.39 -8.58 -20.90
CA PHE F 68 -22.40 -9.01 -19.93
C PHE F 68 -23.68 -9.44 -20.66
N GLU F 69 -23.90 -8.89 -21.84
CA GLU F 69 -25.07 -9.25 -22.63
C GLU F 69 -24.88 -10.60 -23.30
N SER F 70 -23.68 -10.83 -23.85
CA SER F 70 -23.36 -12.08 -24.53
C SER F 70 -23.17 -13.23 -23.55
N TYR F 71 -22.67 -12.92 -22.36
CA TYR F 71 -22.48 -13.92 -21.33
C TYR F 71 -23.34 -13.50 -20.14
N PRO F 72 -24.64 -13.83 -20.20
CA PRO F 72 -25.60 -13.49 -19.15
C PRO F 72 -25.28 -13.93 -17.72
N GLU F 73 -24.38 -14.89 -17.56
CA GLU F 73 -24.04 -15.35 -16.23
C GLU F 73 -22.72 -14.79 -15.72
N LEU F 74 -22.13 -13.87 -16.47
CA LEU F 74 -20.84 -13.29 -16.09
C LEU F 74 -20.86 -12.50 -14.78
N HIS F 75 -21.85 -11.64 -14.58
CA HIS F 75 -21.94 -10.87 -13.34
C HIS F 75 -21.96 -11.83 -12.15
N THR F 76 -22.79 -12.85 -12.26
CA THR F 76 -22.91 -13.84 -11.20
C THR F 76 -21.62 -14.62 -11.01
N LEU F 77 -20.99 -14.98 -12.13
CA LEU F 77 -19.74 -15.74 -12.10
C LEU F 77 -18.64 -15.00 -11.33
N VAL F 78 -18.42 -13.74 -11.69
CA VAL F 78 -17.38 -12.98 -11.02
C VAL F 78 -17.72 -12.74 -9.55
N ASN F 79 -18.99 -12.47 -9.26
CA ASN F 79 -19.38 -12.22 -7.88
C ASN F 79 -19.20 -13.49 -7.04
N GLU F 80 -19.51 -14.64 -7.62
CA GLU F 80 -19.33 -15.91 -6.90
C GLU F 80 -17.84 -16.15 -6.71
N ALA F 81 -17.04 -15.76 -7.69
CA ALA F 81 -15.59 -15.96 -7.61
C ALA F 81 -15.00 -15.15 -6.45
N VAL F 82 -15.36 -13.88 -6.34
CA VAL F 82 -14.81 -13.09 -5.25
C VAL F 82 -15.34 -13.55 -3.90
N LYS F 83 -16.59 -14.00 -3.86
CA LYS F 83 -17.14 -14.50 -2.62
C LYS F 83 -16.42 -15.81 -2.23
N ALA F 84 -16.03 -16.59 -3.24
CA ALA F 84 -15.31 -17.84 -3.00
C ALA F 84 -13.95 -17.52 -2.39
N LEU F 85 -13.33 -16.43 -2.82
CA LEU F 85 -12.04 -16.05 -2.27
C LEU F 85 -12.20 -15.57 -0.82
N SER F 86 -13.32 -14.90 -0.53
CA SER F 86 -13.56 -14.45 0.83
C SER F 86 -13.73 -15.67 1.72
N ALA F 87 -14.38 -16.71 1.19
CA ALA F 87 -14.58 -17.94 1.94
C ALA F 87 -13.23 -18.63 2.18
N ALA F 88 -12.33 -18.54 1.19
CA ALA F 88 -11.01 -19.14 1.31
C ALA F 88 -10.20 -18.45 2.41
N LYS F 89 -10.40 -17.15 2.57
CA LYS F 89 -9.69 -16.41 3.62
C LYS F 89 -10.06 -16.99 4.99
N ALA F 90 -11.34 -17.30 5.16
CA ALA F 90 -11.84 -17.83 6.42
C ALA F 90 -11.75 -19.34 6.57
N SER F 91 -10.97 -20.00 5.72
CA SER F 91 -10.85 -21.45 5.79
C SER F 91 -9.43 -21.97 5.58
N THR F 92 -9.14 -23.15 6.13
CA THR F 92 -7.83 -23.76 5.94
C THR F 92 -7.99 -24.96 5.01
N ASP F 93 -9.23 -25.22 4.59
CA ASP F 93 -9.55 -26.33 3.70
C ASP F 93 -9.19 -26.01 2.25
N PRO F 94 -8.24 -26.75 1.66
CA PRO F 94 -7.79 -26.53 0.28
C PRO F 94 -8.94 -26.56 -0.74
N ALA F 95 -10.03 -27.20 -0.36
CA ALA F 95 -11.21 -27.28 -1.23
C ALA F 95 -11.79 -25.90 -1.48
N THR F 96 -11.69 -25.01 -0.50
CA THR F 96 -12.22 -23.66 -0.65
C THR F 96 -11.35 -22.89 -1.64
N GLY F 97 -10.05 -23.11 -1.57
CA GLY F 97 -9.16 -22.45 -2.50
C GLY F 97 -9.44 -22.96 -3.90
N GLN F 98 -9.69 -24.26 -4.03
CA GLN F 98 -9.98 -24.83 -5.33
C GLN F 98 -11.30 -24.31 -5.89
N LYS F 99 -12.28 -24.08 -5.03
CA LYS F 99 -13.56 -23.57 -5.51
C LYS F 99 -13.33 -22.23 -6.22
N ALA F 100 -12.48 -21.39 -5.63
CA ALA F 100 -12.18 -20.11 -6.23
C ALA F 100 -11.49 -20.31 -7.58
N LEU F 101 -10.52 -21.21 -7.63
CA LEU F 101 -9.82 -21.49 -8.87
C LEU F 101 -10.76 -22.00 -9.96
N ASP F 102 -11.76 -22.79 -9.57
CA ASP F 102 -12.72 -23.31 -10.55
C ASP F 102 -13.45 -22.17 -11.25
N TYR F 103 -13.86 -21.15 -10.48
CA TYR F 103 -14.56 -20.01 -11.04
C TYR F 103 -13.63 -19.16 -11.88
N ILE F 104 -12.42 -18.93 -11.37
CA ILE F 104 -11.44 -18.13 -12.10
C ILE F 104 -11.12 -18.74 -13.46
N ALA F 105 -11.06 -20.06 -13.54
CA ALA F 105 -10.78 -20.74 -14.79
C ALA F 105 -11.84 -20.40 -15.83
N GLN F 106 -13.09 -20.33 -15.39
CA GLN F 106 -14.20 -20.00 -16.28
C GLN F 106 -14.14 -18.55 -16.75
N ILE F 107 -13.78 -17.65 -15.83
CA ILE F 107 -13.66 -16.24 -16.16
C ILE F 107 -12.55 -16.07 -17.17
N ASP F 108 -11.46 -16.82 -17.00
CA ASP F 108 -10.33 -16.76 -17.90
C ASP F 108 -10.73 -17.16 -19.32
N LYS F 109 -11.50 -18.24 -19.43
CA LYS F 109 -11.94 -18.70 -20.74
C LYS F 109 -12.84 -17.69 -21.42
N ILE F 110 -13.78 -17.12 -20.66
CA ILE F 110 -14.67 -16.11 -21.20
C ILE F 110 -13.87 -14.90 -21.63
N PHE F 111 -12.93 -14.48 -20.78
CA PHE F 111 -12.08 -13.34 -21.10
C PHE F 111 -11.42 -13.50 -22.47
N TRP F 112 -10.72 -14.61 -22.68
CA TRP F 112 -10.04 -14.84 -23.94
C TRP F 112 -10.99 -14.98 -25.14
N GLU F 113 -12.20 -15.44 -24.89
CA GLU F 113 -13.18 -15.57 -25.97
C GLU F 113 -13.57 -14.17 -26.44
N THR F 114 -13.73 -13.25 -25.49
CA THR F 114 -14.10 -11.88 -25.83
C THR F 114 -12.94 -11.14 -26.50
N LYS F 115 -11.72 -11.62 -26.26
CA LYS F 115 -10.53 -11.01 -26.86
C LYS F 115 -10.53 -11.26 -28.36
N LYS F 116 -11.24 -12.29 -28.78
CA LYS F 116 -11.36 -12.62 -30.19
C LYS F 116 -12.57 -11.84 -30.69
N ALA F 117 -12.50 -10.52 -30.52
CA ALA F 117 -13.54 -9.58 -30.92
C ALA F 117 -13.40 -8.26 -30.16
NI NI G . -15.20 -5.19 7.57
S SO4 H . -21.46 -9.32 6.68
O1 SO4 H . -20.41 -8.46 7.58
O2 SO4 H . -21.01 -9.14 5.31
O3 SO4 H . -21.51 -10.57 7.07
O4 SO4 H . -22.69 -8.59 6.85
NI NI I . 7.68 -0.45 16.00
S SO4 J . 7.37 2.18 22.89
O1 SO4 J . 7.94 1.24 21.69
O2 SO4 J . 6.41 3.06 22.25
O3 SO4 J . 6.87 1.47 23.85
O4 SO4 J . 8.52 2.96 23.26
NI NI K . -8.07 15.88 0.25
S SO4 L . -7.98 22.68 3.36
O1 SO4 L . -8.36 21.54 2.27
O2 SO4 L . -7.08 22.02 4.29
O3 SO4 L . -7.48 23.74 2.79
O4 SO4 L . -9.24 22.89 4.03
S SO4 M . -0.78 -5.49 5.30
O1 SO4 M . -1.28 -5.83 3.78
O2 SO4 M . -1.19 -6.64 6.08
O3 SO4 M . 0.49 -5.24 5.33
O4 SO4 M . -1.63 -4.39 5.66
C ACY N . -4.82 35.30 16.62
O ACY N . -5.37 35.55 17.78
OXT ACY N . -4.50 34.16 16.14
CH3 ACY N . -4.55 36.54 15.79
NI NI O . 4.28 -17.06 -2.06
S SO4 P . 9.95 -21.90 -2.23
O1 SO4 P . 8.43 -21.31 -2.22
O2 SO4 P . 10.80 -20.72 -2.34
O3 SO4 P . 10.18 -22.62 -1.18
O4 SO4 P . 9.98 -22.61 -3.48
S SO4 Q . 0.72 5.62 -5.46
O1 SO4 Q . 1.65 6.19 -4.26
O2 SO4 Q . 0.46 6.77 -6.30
O3 SO4 Q . 1.30 4.63 -6.09
O4 SO4 Q . -0.50 5.27 -4.78
C ACY R . 29.85 -25.64 -4.87
O ACY R . 29.04 -25.04 -4.02
OXT ACY R . 29.94 -25.45 -6.14
CH3 ACY R . 30.76 -26.65 -4.22
NI NI S . 15.14 8.19 -4.43
S SO4 T . 21.36 7.51 -8.36
O1 SO4 T . 20.18 8.07 -7.39
O2 SO4 T . 21.11 6.08 -8.45
O3 SO4 T . 21.36 8.13 -9.50
O4 SO4 T . 22.54 7.71 -7.55
NI NI U . -3.93 -1.12 -17.27
S SO4 V . -9.48 -1.14 -22.59
O1 SO4 V . -7.98 -1.00 -21.98
O2 SO4 V . -10.31 -1.42 -21.44
O3 SO4 V . -9.82 -0.08 -23.25
O4 SO4 V . -9.37 -2.34 -23.39
C ACY W . -26.70 -3.13 -26.79
O ACY W . -25.64 -2.99 -26.04
OXT ACY W . -27.48 -4.15 -26.88
CH3 ACY W . -27.00 -1.90 -27.63
#